data_2I4Q
#
_entry.id   2I4Q
#
_cell.length_a   141.898
_cell.length_b   141.898
_cell.length_c   141.898
_cell.angle_alpha   90.00
_cell.angle_beta   90.00
_cell.angle_gamma   90.00
#
_symmetry.space_group_name_H-M   'P 21 3'
#
loop_
_entity.id
_entity.type
_entity.pdbx_description
1 polymer Renin
2 non-polymer (2S)-6-(2,4-DIAMINO-6-ETHYLPYRIMIDIN-5-YL)-2-(3,5-DIFLUOROPHENYL)-4-(3-METHOXYPROPYL)-2-METHYL-2H-1,4-BENZOXAZIN-3(4H)-ONE
3 water water
#
_entity_poly.entity_id   1
_entity_poly.type   'polypeptide(L)'
_entity_poly.pdbx_seq_one_letter_code
;NTTSSVILTNYMDTQYYGEIGIGTPPQTFKVVFDTGSSNVWVPSSKCSRLYTACVYHKLFDASDSSSYKHNGTELTLRYS
TGTVSGFLSQDIITVGGITVTQMFGEVTEMPALPFMLAEFDGVVGMGFIEQAIGRVTPIFDNIISQGVLKEDVFSFYYNR
DSENSQSLGGQIVLGGSDPQHYEGNFHYINLIKTGVWQIQMKGVSVGSSTLLCEDGCLALVDTGASYISGSTSSIEKLME
ALGAKKRLFDYVVKCNEGPTLPDISFHLGGKEYTLTSADYVFQESYSSKKLCTLAIHAMDIPPPTGPTWALGATFIRKFY
TEFDRRNNRIGFALAR
;
_entity_poly.pdbx_strand_id   A,B
#
loop_
_chem_comp.id
_chem_comp.type
_chem_comp.name
_chem_comp.formula
UA4 non-polymer (2S)-6-(2,4-DIAMINO-6-ETHYLPYRIMIDIN-5-YL)-2-(3,5-DIFLUOROPHENYL)-4-(3-METHOXYPROPYL)-2-METHYL-2H-1,4-BENZOXAZIN-3(4H)-ONE 'C25 H27 F2 N5 O3'
#
# COMPACT_ATOMS: atom_id res chain seq x y z
N ASN A 1 0.32 13.94 -30.16
CA ASN A 1 0.44 14.63 -28.84
C ASN A 1 -0.86 14.55 -28.05
N THR A 2 -1.29 13.32 -27.74
CA THR A 2 -2.46 13.10 -26.88
C THR A 2 -2.25 11.91 -25.95
N THR A 3 -2.69 12.07 -24.70
CA THR A 3 -2.81 10.95 -23.77
C THR A 3 -4.29 10.74 -23.47
N SER A 4 -4.61 9.60 -22.86
CA SER A 4 -5.99 9.26 -22.54
C SER A 4 -6.05 8.37 -21.32
N SER A 5 -6.39 8.96 -20.17
CA SER A 5 -6.57 8.22 -18.94
C SER A 5 -8.01 7.71 -18.85
N VAL A 6 -8.17 6.42 -18.58
CA VAL A 6 -9.47 5.82 -18.29
C VAL A 6 -9.48 5.40 -16.82
N ILE A 7 -10.48 5.87 -16.08
CA ILE A 7 -10.58 5.59 -14.66
C ILE A 7 -11.08 4.15 -14.46
N LEU A 8 -10.41 3.43 -13.56
CA LEU A 8 -10.74 2.03 -13.29
C LEU A 8 -11.39 1.91 -11.91
N THR A 9 -12.29 0.94 -11.77
CA THR A 9 -12.92 0.62 -10.50
C THR A 9 -12.21 -0.60 -9.93
N ASN A 10 -11.98 -0.58 -8.62
CA ASN A 10 -11.34 -1.66 -7.89
C ASN A 10 -12.37 -2.38 -7.07
N TYR A 11 -12.74 -3.59 -7.50
CA TYR A 11 -13.60 -4.46 -6.71
C TYR A 11 -12.75 -5.43 -5.89
N MET A 12 -12.74 -5.24 -4.58
CA MET A 12 -12.16 -6.19 -3.62
C MET A 12 -10.70 -6.58 -3.90
N ASP A 13 -9.97 -5.71 -4.60
CA ASP A 13 -8.56 -5.94 -4.92
C ASP A 13 -8.30 -7.12 -5.87
N THR A 14 -9.36 -7.67 -6.47
CA THR A 14 -9.25 -8.82 -7.37
C THR A 14 -9.71 -8.54 -8.80
N GLN A 15 -10.52 -7.50 -9.00
CA GLN A 15 -10.97 -7.11 -10.32
C GLN A 15 -10.77 -5.61 -10.54
N TYR A 16 -10.20 -5.26 -11.69
CA TYR A 16 -9.98 -3.87 -12.07
C TYR A 16 -10.54 -3.67 -13.46
N TYR A 17 -11.50 -2.76 -13.60
CA TYR A 17 -12.18 -2.57 -14.87
C TYR A 17 -12.59 -1.11 -15.09
N GLY A 18 -12.68 -0.71 -16.36
CA GLY A 18 -13.20 0.60 -16.72
C GLY A 18 -14.29 0.53 -17.77
N GLU A 19 -14.79 1.71 -18.14
CA GLU A 19 -15.90 1.83 -19.09
C GLU A 19 -15.38 1.95 -20.53
N ILE A 20 -16.03 1.25 -21.46
CA ILE A 20 -15.95 1.56 -22.89
C ILE A 20 -17.35 1.72 -23.44
N GLY A 21 -17.47 2.42 -24.56
CA GLY A 21 -18.71 2.52 -25.29
C GLY A 21 -18.57 1.82 -26.63
N ILE A 22 -19.60 1.06 -27.02
CA ILE A 22 -19.60 0.35 -28.29
C ILE A 22 -20.89 0.69 -29.01
N GLY A 23 -20.79 1.15 -30.25
CA GLY A 23 -21.96 1.41 -31.07
C GLY A 23 -22.42 2.86 -31.07
N THR A 24 -23.54 3.08 -31.76
CA THR A 24 -24.15 4.39 -31.96
C THR A 24 -25.67 4.23 -31.84
N PRO A 25 -26.28 4.73 -30.76
CA PRO A 25 -25.58 5.40 -29.66
C PRO A 25 -24.71 4.42 -28.87
N PRO A 26 -23.76 4.94 -28.09
CA PRO A 26 -22.89 4.10 -27.26
C PRO A 26 -23.65 3.19 -26.28
N GLN A 27 -23.35 1.89 -26.34
CA GLN A 27 -23.75 0.94 -25.30
C GLN A 27 -22.53 0.74 -24.41
N THR A 28 -22.66 0.99 -23.11
CA THR A 28 -21.49 0.99 -22.23
C THR A 28 -21.27 -0.37 -21.59
N PHE A 29 -20.00 -0.68 -21.31
CA PHE A 29 -19.60 -1.96 -20.76
C PHE A 29 -18.45 -1.76 -19.79
N LYS A 30 -18.50 -2.50 -18.69
CA LYS A 30 -17.36 -2.64 -17.80
C LYS A 30 -16.44 -3.71 -18.39
N VAL A 31 -15.17 -3.38 -18.57
CA VAL A 31 -14.20 -4.31 -19.16
C VAL A 31 -12.85 -4.26 -18.43
N VAL A 32 -12.21 -5.41 -18.33
CA VAL A 32 -10.87 -5.50 -17.77
C VAL A 32 -9.90 -5.24 -18.90
N PHE A 33 -8.91 -4.39 -18.66
CA PHE A 33 -7.84 -4.17 -19.64
C PHE A 33 -6.71 -5.13 -19.32
N ASP A 34 -6.40 -5.99 -20.29
CA ASP A 34 -5.73 -7.27 -20.06
C ASP A 34 -4.55 -7.52 -21.01
N THR A 35 -3.33 -7.35 -20.49
CA THR A 35 -2.11 -7.61 -21.25
C THR A 35 -1.81 -9.09 -21.46
N GLY A 36 -2.49 -9.96 -20.71
CA GLY A 36 -2.41 -11.40 -20.92
C GLY A 36 -3.27 -12.01 -22.01
N SER A 37 -4.04 -11.18 -22.72
CA SER A 37 -4.82 -11.62 -23.87
C SER A 37 -4.87 -10.50 -24.92
N SER A 38 -5.38 -10.79 -26.11
CA SER A 38 -5.29 -9.86 -27.24
C SER A 38 -6.62 -9.58 -27.96
N ASN A 39 -7.71 -10.14 -27.47
CA ASN A 39 -9.02 -9.93 -28.07
C ASN A 39 -9.91 -9.04 -27.20
N VAL A 40 -10.80 -8.28 -27.84
CA VAL A 40 -11.89 -7.59 -27.16
C VAL A 40 -13.13 -8.45 -27.25
N TRP A 41 -13.88 -8.54 -26.15
CA TRP A 41 -15.19 -9.18 -26.18
C TRP A 41 -16.13 -8.58 -25.13
N VAL A 42 -17.41 -8.58 -25.45
CA VAL A 42 -18.44 -8.25 -24.47
C VAL A 42 -19.58 -9.25 -24.63
N PRO A 43 -20.41 -9.44 -23.61
CA PRO A 43 -21.55 -10.35 -23.76
C PRO A 43 -22.51 -9.88 -24.84
N SER A 44 -23.20 -10.81 -25.49
CA SER A 44 -24.07 -10.49 -26.61
C SER A 44 -25.54 -10.66 -26.26
N SER A 45 -26.39 -9.90 -26.92
CA SER A 45 -27.84 -10.03 -26.78
C SER A 45 -28.34 -11.37 -27.33
N LYS A 46 -27.52 -12.04 -28.15
CA LYS A 46 -27.86 -13.37 -28.67
C LYS A 46 -27.47 -14.51 -27.71
N CYS A 47 -26.82 -14.16 -26.60
CA CYS A 47 -26.48 -15.14 -25.56
C CYS A 47 -27.75 -15.63 -24.89
N SER A 48 -28.03 -16.92 -25.05
CA SER A 48 -29.18 -17.56 -24.42
C SER A 48 -29.23 -17.26 -22.92
N ARG A 49 -30.41 -16.97 -22.42
CA ARG A 49 -30.59 -16.60 -21.01
C ARG A 49 -30.53 -17.80 -20.07
N LEU A 50 -30.38 -19.00 -20.62
CA LEU A 50 -30.01 -20.19 -19.86
C LEU A 50 -28.59 -20.07 -19.29
N TYR A 51 -27.76 -19.22 -19.90
CA TYR A 51 -26.52 -18.73 -19.28
C TYR A 51 -26.86 -17.58 -18.33
N THR A 52 -26.87 -17.88 -17.03
CA THR A 52 -27.24 -16.90 -16.02
C THR A 52 -26.27 -15.71 -15.95
N ALA A 53 -25.00 -15.95 -16.29
CA ALA A 53 -24.02 -14.87 -16.41
C ALA A 53 -24.46 -13.80 -17.40
N CYS A 54 -25.14 -14.20 -18.47
CA CYS A 54 -25.71 -13.27 -19.42
C CYS A 54 -26.97 -12.54 -18.92
N VAL A 55 -27.67 -13.14 -17.97
CA VAL A 55 -28.79 -12.47 -17.30
C VAL A 55 -28.28 -11.35 -16.37
N TYR A 56 -27.08 -11.52 -15.82
CA TYR A 56 -26.52 -10.59 -14.84
C TYR A 56 -25.49 -9.62 -15.43
N HIS A 57 -25.41 -9.55 -16.75
CA HIS A 57 -24.49 -8.61 -17.36
C HIS A 57 -25.11 -7.79 -18.50
N LYS A 58 -24.46 -6.68 -18.80
CA LYS A 58 -24.80 -5.86 -19.96
C LYS A 58 -24.53 -6.65 -21.24
N LEU A 59 -25.48 -6.58 -22.17
CA LEU A 59 -25.44 -7.31 -23.41
C LEU A 59 -25.41 -6.34 -24.59
N PHE A 60 -24.52 -6.59 -25.54
CA PHE A 60 -24.46 -5.77 -26.75
C PHE A 60 -25.57 -6.20 -27.70
N ASP A 61 -26.36 -5.23 -28.14
CA ASP A 61 -27.41 -5.47 -29.13
C ASP A 61 -27.02 -4.76 -30.44
N ALA A 62 -26.66 -5.56 -31.44
CA ALA A 62 -26.23 -5.04 -32.74
C ALA A 62 -27.36 -4.30 -33.46
N SER A 63 -28.59 -4.76 -33.21
CA SER A 63 -29.79 -4.15 -33.76
C SER A 63 -30.10 -2.74 -33.23
N ASP A 64 -29.35 -2.28 -32.24
CA ASP A 64 -29.49 -0.92 -31.71
C ASP A 64 -28.36 0.01 -32.13
N SER A 65 -27.39 -0.51 -32.87
CA SER A 65 -26.27 0.27 -33.35
C SER A 65 -26.34 0.50 -34.85
N SER A 66 -26.32 1.77 -35.26
CA SER A 66 -26.33 2.12 -36.68
C SER A 66 -24.93 2.00 -37.32
N SER A 67 -23.89 1.98 -36.50
CA SER A 67 -22.50 1.90 -36.95
C SER A 67 -21.96 0.46 -36.97
N TYR A 68 -22.82 -0.51 -36.64
CA TYR A 68 -22.44 -1.91 -36.60
C TYR A 68 -22.17 -2.46 -38.00
N LYS A 69 -21.18 -3.34 -38.10
CA LYS A 69 -20.89 -4.07 -39.34
C LYS A 69 -20.77 -5.56 -39.04
N HIS A 70 -21.48 -6.38 -39.80
CA HIS A 70 -21.55 -7.81 -39.57
C HIS A 70 -20.25 -8.50 -39.99
N ASN A 71 -19.86 -9.54 -39.26
CA ASN A 71 -18.85 -10.49 -39.74
C ASN A 71 -19.33 -11.91 -39.51
N GLY A 72 -19.54 -12.28 -38.25
CA GLY A 72 -20.13 -13.56 -37.90
C GLY A 72 -19.20 -14.74 -37.71
N THR A 73 -17.89 -14.52 -37.82
CA THR A 73 -16.92 -15.59 -37.68
C THR A 73 -16.88 -16.05 -36.22
N GLU A 74 -16.90 -17.36 -36.01
CA GLU A 74 -16.91 -17.94 -34.67
C GLU A 74 -15.55 -17.72 -34.01
N LEU A 75 -15.55 -17.59 -32.68
CA LEU A 75 -14.31 -17.50 -31.93
C LEU A 75 -14.47 -18.02 -30.52
N THR A 76 -13.41 -18.63 -30.01
CA THR A 76 -13.34 -19.12 -28.66
C THR A 76 -12.10 -18.53 -28.02
N LEU A 77 -12.26 -17.99 -26.81
CA LEU A 77 -11.19 -17.39 -26.04
C LEU A 77 -10.97 -18.25 -24.81
N ARG A 78 -9.76 -18.76 -24.64
CA ARG A 78 -9.44 -19.63 -23.53
C ARG A 78 -8.51 -18.91 -22.57
N TYR A 79 -9.08 -18.48 -21.44
CA TYR A 79 -8.31 -17.93 -20.33
C TYR A 79 -7.98 -19.05 -19.36
N SER A 80 -7.02 -18.80 -18.49
CA SER A 80 -6.54 -19.79 -17.54
C SER A 80 -7.63 -20.22 -16.55
N THR A 81 -8.58 -19.33 -16.26
CA THR A 81 -9.63 -19.60 -15.28
C THR A 81 -11.02 -19.79 -15.90
N GLY A 82 -11.10 -19.80 -17.22
CA GLY A 82 -12.39 -19.88 -17.88
C GLY A 82 -12.38 -19.55 -19.36
N THR A 83 -13.49 -19.85 -20.01
CA THR A 83 -13.61 -19.79 -21.46
C THR A 83 -14.89 -19.08 -21.87
N VAL A 84 -14.82 -18.33 -22.97
CA VAL A 84 -16.01 -17.75 -23.59
C VAL A 84 -16.04 -18.05 -25.08
N SER A 85 -17.25 -18.07 -25.63
CA SER A 85 -17.43 -18.33 -27.04
C SER A 85 -18.49 -17.41 -27.64
N GLY A 86 -18.40 -17.19 -28.95
CA GLY A 86 -19.35 -16.35 -29.64
C GLY A 86 -18.94 -16.14 -31.09
N PHE A 87 -19.13 -14.93 -31.59
CA PHE A 87 -18.80 -14.59 -32.98
C PHE A 87 -18.31 -13.14 -33.08
N LEU A 88 -17.68 -12.81 -34.20
CA LEU A 88 -17.03 -11.52 -34.38
C LEU A 88 -17.99 -10.47 -34.95
N SER A 89 -17.77 -9.22 -34.56
CA SER A 89 -18.59 -8.08 -34.96
C SER A 89 -17.73 -6.83 -34.99
N GLN A 90 -18.07 -5.88 -35.84
CA GLN A 90 -17.33 -4.62 -35.93
C GLN A 90 -18.20 -3.45 -35.54
N ASP A 91 -17.65 -2.53 -34.77
CA ASP A 91 -18.32 -1.31 -34.41
C ASP A 91 -17.32 -0.29 -33.89
N ILE A 92 -17.79 0.92 -33.66
CA ILE A 92 -16.98 1.98 -33.08
C ILE A 92 -16.89 1.73 -31.58
N ILE A 93 -15.70 1.88 -31.02
CA ILE A 93 -15.48 1.76 -29.57
C ILE A 93 -14.79 3.01 -29.03
N THR A 94 -15.35 3.61 -27.98
CA THR A 94 -14.72 4.73 -27.31
C THR A 94 -13.98 4.21 -26.09
N VAL A 95 -12.70 4.55 -25.99
CA VAL A 95 -11.87 4.29 -24.82
C VAL A 95 -11.19 5.59 -24.41
N GLY A 96 -11.78 6.28 -23.44
CA GLY A 96 -11.21 7.48 -22.86
C GLY A 96 -10.97 8.61 -23.85
N GLY A 97 -11.97 8.92 -24.68
CA GLY A 97 -11.86 10.01 -25.64
C GLY A 97 -11.23 9.64 -26.97
N ILE A 98 -10.69 8.42 -27.07
CA ILE A 98 -10.20 7.89 -28.34
C ILE A 98 -11.34 7.07 -28.92
N THR A 99 -11.55 7.19 -30.24
CA THR A 99 -12.58 6.46 -30.95
C THR A 99 -11.89 5.59 -31.98
N VAL A 100 -12.29 4.33 -32.05
CA VAL A 100 -11.64 3.37 -32.91
C VAL A 100 -12.62 2.35 -33.48
N THR A 101 -12.53 2.12 -34.79
CA THR A 101 -13.26 1.05 -35.44
C THR A 101 -12.56 -0.26 -35.10
N GLN A 102 -13.28 -1.15 -34.41
CA GLN A 102 -12.68 -2.34 -33.80
C GLN A 102 -13.51 -3.59 -34.08
N MET A 103 -12.82 -4.69 -34.38
CA MET A 103 -13.44 -6.01 -34.43
C MET A 103 -13.36 -6.61 -33.02
N PHE A 104 -14.50 -7.11 -32.54
CA PHE A 104 -14.61 -7.67 -31.19
C PHE A 104 -15.52 -8.88 -31.17
N GLY A 105 -15.50 -9.62 -30.06
CA GLY A 105 -16.34 -10.78 -29.89
C GLY A 105 -17.65 -10.45 -29.22
N GLU A 106 -18.75 -10.86 -29.86
CA GLU A 106 -20.06 -10.94 -29.22
C GLU A 106 -20.18 -12.33 -28.62
N VAL A 107 -20.12 -12.44 -27.29
CA VAL A 107 -20.08 -13.73 -26.60
C VAL A 107 -21.49 -14.27 -26.31
N THR A 108 -21.77 -15.47 -26.81
CA THR A 108 -23.05 -16.15 -26.60
C THR A 108 -22.97 -17.36 -25.68
N GLU A 109 -21.76 -17.71 -25.24
CA GLU A 109 -21.57 -18.77 -24.25
C GLU A 109 -20.62 -18.29 -23.15
N MET A 110 -21.14 -18.21 -21.94
CA MET A 110 -20.51 -17.49 -20.84
C MET A 110 -20.78 -18.20 -19.52
N PRO A 111 -19.94 -19.19 -19.20
CA PRO A 111 -20.14 -20.04 -18.02
C PRO A 111 -20.41 -19.29 -16.71
N ALA A 112 -21.40 -19.75 -15.97
CA ALA A 112 -21.74 -19.20 -14.65
C ALA A 112 -20.54 -19.17 -13.72
N LEU A 113 -19.73 -20.23 -13.77
CA LEU A 113 -18.46 -20.27 -13.09
C LEU A 113 -17.43 -20.15 -14.20
N PRO A 114 -16.61 -19.11 -14.20
CA PRO A 114 -16.53 -18.10 -13.14
C PRO A 114 -17.33 -16.79 -13.36
N PHE A 115 -18.02 -16.61 -14.47
CA PHE A 115 -18.45 -15.25 -14.84
C PHE A 115 -19.59 -14.63 -14.02
N MET A 116 -20.34 -15.45 -13.28
CA MET A 116 -21.28 -14.92 -12.28
C MET A 116 -20.57 -14.19 -11.12
N LEU A 117 -19.26 -14.40 -10.98
CA LEU A 117 -18.46 -13.72 -9.97
C LEU A 117 -17.78 -12.46 -10.51
N ALA A 118 -17.95 -12.22 -11.81
CA ALA A 118 -17.42 -11.05 -12.49
C ALA A 118 -18.30 -9.81 -12.34
N GLU A 119 -17.74 -8.77 -11.72
CA GLU A 119 -18.33 -7.43 -11.71
C GLU A 119 -18.25 -6.79 -13.10
N PHE A 120 -17.25 -7.18 -13.86
CA PHE A 120 -17.08 -6.71 -15.23
C PHE A 120 -17.92 -7.52 -16.20
N ASP A 121 -18.16 -6.96 -17.38
CA ASP A 121 -18.93 -7.59 -18.45
C ASP A 121 -18.03 -8.30 -19.43
N GLY A 122 -16.93 -7.67 -19.79
CA GLY A 122 -16.05 -8.17 -20.82
C GLY A 122 -14.59 -7.83 -20.61
N VAL A 123 -13.80 -7.97 -21.67
CA VAL A 123 -12.36 -7.80 -21.58
C VAL A 123 -11.81 -7.06 -22.81
N VAL A 124 -10.80 -6.22 -22.58
CA VAL A 124 -10.08 -5.56 -23.66
C VAL A 124 -8.64 -6.07 -23.63
N GLY A 125 -8.30 -6.95 -24.56
CA GLY A 125 -6.95 -7.45 -24.68
C GLY A 125 -5.99 -6.34 -25.09
N MET A 126 -4.93 -6.16 -24.31
CA MET A 126 -3.90 -5.16 -24.57
C MET A 126 -2.63 -5.84 -25.03
N GLY A 127 -2.74 -7.12 -25.37
CA GLY A 127 -1.63 -7.92 -25.85
C GLY A 127 -1.38 -7.77 -27.34
N PHE A 128 -0.49 -8.58 -27.88
CA PHE A 128 -0.03 -8.44 -29.26
C PHE A 128 -0.93 -9.22 -30.22
N ILE A 129 -0.87 -8.83 -31.49
CA ILE A 129 -1.62 -9.51 -32.55
C ILE A 129 -1.16 -10.96 -32.75
N GLU A 130 0.07 -11.28 -32.35
CA GLU A 130 0.61 -12.63 -32.48
C GLU A 130 -0.16 -13.65 -31.66
N GLN A 131 -0.71 -13.22 -30.53
CA GLN A 131 -1.51 -14.09 -29.66
C GLN A 131 -3.02 -13.87 -29.81
N ALA A 132 -3.42 -13.09 -30.82
CA ALA A 132 -4.83 -12.81 -31.07
C ALA A 132 -5.51 -14.01 -31.73
N ILE A 133 -6.67 -14.37 -31.20
CA ILE A 133 -7.48 -15.45 -31.74
C ILE A 133 -8.23 -14.92 -32.96
N GLY A 134 -8.30 -15.73 -34.00
CA GLY A 134 -8.87 -15.33 -35.28
C GLY A 134 -8.05 -14.28 -36.01
N ARG A 135 -6.83 -14.02 -35.53
CA ARG A 135 -5.95 -12.98 -36.08
C ARG A 135 -6.64 -11.62 -36.23
N VAL A 136 -7.49 -11.28 -35.27
CA VAL A 136 -8.16 -9.99 -35.24
C VAL A 136 -7.20 -8.92 -34.73
N THR A 137 -7.07 -7.82 -35.45
CA THR A 137 -6.23 -6.70 -35.02
C THR A 137 -6.65 -6.26 -33.61
N PRO A 138 -5.73 -6.26 -32.64
CA PRO A 138 -6.05 -5.78 -31.29
C PRO A 138 -6.32 -4.28 -31.25
N ILE A 139 -7.05 -3.85 -30.23
CA ILE A 139 -7.50 -2.45 -30.16
C ILE A 139 -6.35 -1.45 -30.10
N PHE A 140 -5.26 -1.77 -29.41
CA PHE A 140 -4.17 -0.82 -29.29
C PHE A 140 -3.38 -0.64 -30.60
N ASP A 141 -3.39 -1.66 -31.46
CA ASP A 141 -2.80 -1.55 -32.79
C ASP A 141 -3.63 -0.59 -33.65
N ASN A 142 -4.95 -0.68 -33.55
CA ASN A 142 -5.84 0.24 -34.26
C ASN A 142 -5.70 1.69 -33.78
N ILE A 143 -5.44 1.88 -32.48
CA ILE A 143 -5.24 3.21 -31.92
C ILE A 143 -3.90 3.77 -32.37
N ILE A 144 -2.87 2.93 -32.35
CA ILE A 144 -1.54 3.29 -32.85
C ILE A 144 -1.58 3.75 -34.31
N SER A 145 -2.46 3.13 -35.10
CA SER A 145 -2.60 3.45 -36.52
C SER A 145 -3.19 4.83 -36.79
N GLN A 146 -3.90 5.39 -35.80
CA GLN A 146 -4.45 6.74 -35.91
C GLN A 146 -3.36 7.79 -35.89
N GLY A 147 -2.25 7.50 -35.21
CA GLY A 147 -1.13 8.42 -35.09
C GLY A 147 -1.47 9.64 -34.26
N VAL A 148 -2.23 9.45 -33.18
CA VAL A 148 -2.61 10.54 -32.27
C VAL A 148 -1.91 10.47 -30.91
N LEU A 149 -1.39 9.29 -30.55
CA LEU A 149 -0.69 9.09 -29.28
C LEU A 149 0.71 9.70 -29.34
N LYS A 150 1.14 10.32 -28.24
CA LYS A 150 2.48 10.89 -28.12
C LYS A 150 3.54 9.79 -28.17
N GLU A 151 3.34 8.75 -27.37
CA GLU A 151 4.20 7.57 -27.40
C GLU A 151 3.36 6.33 -27.65
N ASP A 152 3.96 5.32 -28.27
CA ASP A 152 3.30 4.02 -28.44
C ASP A 152 3.52 3.19 -27.17
N VAL A 153 2.93 3.66 -26.06
CA VAL A 153 2.95 2.96 -24.79
C VAL A 153 1.57 3.04 -24.11
N PHE A 154 1.33 2.16 -23.16
CA PHE A 154 0.23 2.33 -22.20
C PHE A 154 0.71 1.91 -20.80
N SER A 155 0.02 2.39 -19.77
CA SER A 155 0.47 2.25 -18.41
C SER A 155 -0.68 1.95 -17.45
N PHE A 156 -0.37 1.22 -16.38
CA PHE A 156 -1.37 0.76 -15.43
C PHE A 156 -1.04 1.20 -14.01
N TYR A 157 -2.03 1.79 -13.36
CA TYR A 157 -2.03 2.03 -11.93
C TYR A 157 -3.18 1.24 -11.33
N TYR A 158 -2.86 0.30 -10.45
CA TYR A 158 -3.87 -0.38 -9.63
C TYR A 158 -3.71 0.05 -8.18
N ASN A 159 -4.72 0.76 -7.67
CA ASN A 159 -4.74 1.19 -6.26
C ASN A 159 -5.06 0.02 -5.32
N ARG A 160 -4.71 0.20 -4.05
CA ARG A 160 -5.29 -0.59 -2.97
C ARG A 160 -6.79 -0.35 -2.88
N ASP A 161 -7.50 -1.31 -2.30
CA ASP A 161 -8.95 -1.23 -2.11
C ASP A 161 -9.26 -0.15 -1.08
N SER A 162 -10.45 0.43 -1.15
CA SER A 162 -10.84 1.48 -0.19
C SER A 162 -12.31 1.37 0.22
N GLU A 163 -12.58 1.72 1.47
CA GLU A 163 -13.95 1.71 2.00
C GLU A 163 -14.80 2.86 1.46
N ASN A 164 -14.15 3.99 1.16
CA ASN A 164 -14.81 5.15 0.56
C ASN A 164 -14.68 5.15 -0.97
N SER A 165 -15.38 6.07 -1.62
CA SER A 165 -15.37 6.19 -3.08
C SER A 165 -14.81 7.54 -3.54
N GLN A 166 -13.90 8.13 -2.75
CA GLN A 166 -13.15 9.31 -3.18
C GLN A 166 -11.76 8.95 -3.74
N SER A 167 -11.27 7.76 -3.39
CA SER A 167 -10.02 7.25 -3.96
C SER A 167 -10.31 6.49 -5.26
N LEU A 168 -9.48 6.70 -6.27
CA LEU A 168 -9.66 6.02 -7.55
C LEU A 168 -9.16 4.57 -7.50
N GLY A 169 -9.92 3.67 -8.12
CA GLY A 169 -9.60 2.25 -8.11
C GLY A 169 -8.33 1.93 -8.89
N GLY A 170 -8.09 2.74 -9.92
CA GLY A 170 -6.94 2.58 -10.78
C GLY A 170 -7.03 3.49 -12.00
N GLN A 171 -6.10 3.29 -12.94
CA GLN A 171 -6.05 4.15 -14.13
C GLN A 171 -5.16 3.54 -15.21
N ILE A 172 -5.66 3.52 -16.44
CA ILE A 172 -4.85 3.17 -17.59
C ILE A 172 -4.63 4.41 -18.47
N VAL A 173 -3.38 4.77 -18.68
CA VAL A 173 -3.02 5.84 -19.60
C VAL A 173 -2.63 5.24 -20.95
N LEU A 174 -3.28 5.72 -22.00
CA LEU A 174 -2.93 5.36 -23.36
C LEU A 174 -2.09 6.50 -23.92
N GLY A 175 -0.87 6.17 -24.35
CA GLY A 175 0.04 7.13 -24.95
C GLY A 175 1.07 7.71 -24.01
N GLY A 176 1.19 7.16 -22.80
CA GLY A 176 2.12 7.67 -21.82
C GLY A 176 2.01 7.07 -20.43
N SER A 177 2.43 7.85 -19.44
CA SER A 177 2.44 7.46 -18.04
C SER A 177 2.15 8.67 -17.15
N ASP A 178 1.49 8.42 -16.03
CA ASP A 178 1.04 9.47 -15.12
C ASP A 178 2.00 9.58 -13.92
N PRO A 179 2.84 10.62 -13.88
CA PRO A 179 3.81 10.78 -12.77
C PRO A 179 3.17 11.04 -11.40
N GLN A 180 1.88 11.38 -11.37
CA GLN A 180 1.13 11.45 -10.12
C GLN A 180 1.01 10.08 -9.40
N HIS A 181 1.14 8.98 -10.15
CA HIS A 181 0.91 7.64 -9.56
C HIS A 181 2.13 6.73 -9.52
N TYR A 182 3.31 7.32 -9.73
CA TYR A 182 4.57 6.64 -9.42
C TYR A 182 5.62 7.64 -8.93
N GLU A 183 6.67 7.12 -8.31
CA GLU A 183 7.79 7.93 -7.85
C GLU A 183 9.09 7.20 -8.13
N GLY A 184 10.20 7.91 -8.02
CA GLY A 184 11.49 7.40 -8.48
C GLY A 184 11.44 7.30 -10.00
N ASN A 185 12.38 6.56 -10.56
CA ASN A 185 12.48 6.43 -12.01
C ASN A 185 12.05 5.04 -12.49
N PHE A 186 11.65 4.98 -13.76
CA PHE A 186 11.32 3.70 -14.39
C PHE A 186 12.59 2.88 -14.56
N HIS A 187 12.47 1.58 -14.33
CA HIS A 187 13.54 0.64 -14.58
C HIS A 187 13.03 -0.38 -15.58
N TYR A 188 13.67 -0.45 -16.73
CA TYR A 188 13.14 -1.19 -17.87
C TYR A 188 13.76 -2.57 -18.05
N ILE A 189 12.95 -3.49 -18.57
CA ILE A 189 13.35 -4.85 -18.89
C ILE A 189 12.83 -5.16 -20.28
N ASN A 190 13.72 -5.60 -21.18
CA ASN A 190 13.28 -5.94 -22.53
C ASN A 190 12.43 -7.21 -22.51
N LEU A 191 11.54 -7.33 -23.48
CA LEU A 191 10.79 -8.57 -23.68
C LEU A 191 11.73 -9.60 -24.28
N ILE A 192 11.62 -10.84 -23.79
CA ILE A 192 12.32 -11.97 -24.40
C ILE A 192 12.03 -12.00 -25.90
N LYS A 193 10.77 -11.75 -26.24
CA LYS A 193 10.24 -11.95 -27.58
C LYS A 193 9.07 -10.99 -27.78
N THR A 194 9.03 -10.31 -28.92
CA THR A 194 7.86 -9.50 -29.27
C THR A 194 6.67 -10.44 -29.48
N GLY A 195 5.46 -9.94 -29.28
CA GLY A 195 4.27 -10.78 -29.35
C GLY A 195 3.73 -11.22 -28.00
N VAL A 196 4.50 -11.02 -26.93
CA VAL A 196 4.07 -11.37 -25.58
C VAL A 196 4.65 -10.42 -24.55
N TRP A 197 3.81 -9.94 -23.63
CA TRP A 197 4.27 -9.09 -22.53
C TRP A 197 4.93 -9.96 -21.47
N GLN A 198 6.07 -10.54 -21.84
CA GLN A 198 6.76 -11.53 -21.01
C GLN A 198 8.25 -11.22 -20.99
N ILE A 199 8.84 -11.25 -19.79
CA ILE A 199 10.25 -10.89 -19.60
C ILE A 199 11.00 -11.98 -18.83
N GLN A 200 12.32 -11.90 -18.88
CA GLN A 200 13.19 -12.81 -18.13
C GLN A 200 13.14 -12.41 -16.66
N MET A 201 13.00 -13.41 -15.79
CA MET A 201 13.10 -13.21 -14.35
C MET A 201 14.28 -14.05 -13.83
N LYS A 202 15.26 -13.38 -13.24
CA LYS A 202 16.49 -14.04 -12.79
C LYS A 202 16.31 -14.93 -11.56
N GLY A 203 15.49 -14.49 -10.60
CA GLY A 203 15.26 -15.24 -9.38
C GLY A 203 14.06 -14.80 -8.56
N VAL A 204 13.65 -15.66 -7.63
CA VAL A 204 12.59 -15.34 -6.68
C VAL A 204 13.05 -15.79 -5.29
N SER A 205 13.22 -14.85 -4.38
CA SER A 205 13.67 -15.16 -3.02
C SER A 205 12.53 -15.02 -2.01
N VAL A 206 12.54 -15.90 -1.01
CA VAL A 206 11.56 -15.87 0.08
C VAL A 206 12.29 -15.93 1.42
N GLY A 207 12.47 -14.76 2.05
CA GLY A 207 13.13 -14.66 3.33
C GLY A 207 14.62 -14.41 3.16
N SER A 208 15.45 -15.10 3.96
CA SER A 208 16.90 -15.01 3.84
C SER A 208 17.45 -16.18 3.03
N SER A 209 16.90 -16.37 1.83
CA SER A 209 17.26 -17.49 0.97
C SER A 209 16.61 -17.37 -0.41
N THR A 210 17.37 -17.74 -1.45
CA THR A 210 16.86 -17.78 -2.82
C THR A 210 16.49 -19.21 -3.16
N LEU A 211 15.31 -19.64 -2.73
CA LEU A 211 14.87 -21.03 -2.88
C LEU A 211 14.09 -21.30 -4.18
N LEU A 212 13.84 -20.26 -4.99
CA LEU A 212 13.02 -20.43 -6.20
C LEU A 212 13.61 -19.78 -7.44
N CYS A 213 13.16 -20.23 -8.61
CA CYS A 213 13.60 -19.70 -9.90
C CYS A 213 15.13 -19.61 -10.00
N GLU A 214 15.81 -20.64 -9.49
CA GLU A 214 17.26 -20.74 -9.61
C GLU A 214 17.62 -20.99 -11.07
N ASP A 215 18.60 -20.26 -11.58
CA ASP A 215 19.03 -20.33 -12.98
C ASP A 215 18.11 -19.60 -13.98
N GLY A 216 16.90 -19.24 -13.55
CA GLY A 216 16.03 -18.38 -14.36
C GLY A 216 14.65 -18.96 -14.62
N CYS A 217 13.77 -18.10 -15.11
CA CYS A 217 12.39 -18.46 -15.45
C CYS A 217 11.73 -17.32 -16.23
N LEU A 218 10.45 -17.48 -16.56
CA LEU A 218 9.71 -16.45 -17.29
C LEU A 218 8.75 -15.70 -16.36
N ALA A 219 8.38 -14.49 -16.78
CA ALA A 219 7.42 -13.67 -16.04
C ALA A 219 6.57 -12.87 -17.03
N LEU A 220 5.34 -13.35 -17.25
CA LEU A 220 4.33 -12.61 -18.00
C LEU A 220 3.77 -11.50 -17.10
N VAL A 221 3.78 -10.26 -17.58
CA VAL A 221 3.22 -9.15 -16.83
C VAL A 221 1.77 -8.98 -17.25
N ASP A 222 0.87 -9.44 -16.39
CA ASP A 222 -0.51 -9.73 -16.75
C ASP A 222 -1.51 -8.89 -15.93
N THR A 223 -2.05 -7.86 -16.55
CA THR A 223 -2.96 -6.94 -15.87
C THR A 223 -4.36 -7.52 -15.76
N GLY A 224 -4.60 -8.63 -16.45
CA GLY A 224 -5.87 -9.32 -16.40
C GLY A 224 -5.93 -10.44 -15.40
N ALA A 225 -4.86 -10.63 -14.63
CA ALA A 225 -4.80 -11.64 -13.59
C ALA A 225 -4.87 -10.95 -12.23
N SER A 226 -5.69 -11.48 -11.33
CA SER A 226 -5.82 -10.93 -9.98
C SER A 226 -4.52 -11.07 -9.19
N TYR A 227 -3.90 -12.23 -9.30
CA TYR A 227 -2.84 -12.65 -8.39
C TYR A 227 -1.51 -12.78 -9.10
N ILE A 228 -0.45 -12.92 -8.31
CA ILE A 228 0.81 -13.46 -8.80
C ILE A 228 0.62 -14.96 -8.90
N SER A 229 1.02 -15.55 -10.01
CA SER A 229 0.97 -16.99 -10.15
C SER A 229 2.32 -17.55 -10.57
N GLY A 230 2.57 -18.79 -10.16
CA GLY A 230 3.70 -19.56 -10.64
C GLY A 230 3.22 -20.96 -10.96
N SER A 231 4.12 -21.80 -11.45
CA SER A 231 3.77 -23.20 -11.72
C SER A 231 3.39 -23.92 -10.42
N THR A 232 2.72 -25.06 -10.55
CA THR A 232 2.26 -25.82 -9.39
C THR A 232 3.42 -26.22 -8.46
N SER A 233 4.55 -26.63 -9.04
CA SER A 233 5.71 -27.04 -8.24
C SER A 233 6.45 -25.83 -7.66
N SER A 234 6.41 -24.70 -8.37
CA SER A 234 7.00 -23.47 -7.87
C SER A 234 6.22 -22.97 -6.65
N ILE A 235 4.90 -23.13 -6.67
CA ILE A 235 4.03 -22.56 -5.65
C ILE A 235 3.88 -23.47 -4.44
N GLU A 236 3.92 -24.79 -4.64
CA GLU A 236 3.89 -25.73 -3.51
C GLU A 236 5.09 -25.47 -2.60
N LYS A 237 6.24 -25.18 -3.21
CA LYS A 237 7.46 -24.86 -2.48
C LYS A 237 7.44 -23.44 -1.88
N LEU A 238 6.82 -22.50 -2.58
CA LEU A 238 6.67 -21.14 -2.08
C LEU A 238 5.82 -21.16 -0.81
N MET A 239 4.79 -21.98 -0.85
CA MET A 239 3.77 -22.04 0.20
C MET A 239 4.16 -22.98 1.34
N GLU A 240 5.24 -23.72 1.15
CA GLU A 240 5.82 -24.53 2.23
C GLU A 240 6.58 -23.60 3.15
N ALA A 241 7.37 -22.72 2.55
CA ALA A 241 8.13 -21.71 3.30
C ALA A 241 7.22 -20.71 4.04
N LEU A 242 6.04 -20.45 3.49
CA LEU A 242 5.09 -19.54 4.11
C LEU A 242 4.31 -20.22 5.24
N GLY A 243 4.08 -21.52 5.12
CA GLY A 243 3.31 -22.28 6.08
C GLY A 243 1.84 -22.34 5.71
N ALA A 244 1.51 -21.91 4.49
CA ALA A 244 0.12 -21.90 4.03
C ALA A 244 -0.37 -23.30 3.75
N LYS A 245 -1.68 -23.50 3.89
CA LYS A 245 -2.33 -24.76 3.62
C LYS A 245 -3.05 -24.64 2.29
N LYS A 246 -2.90 -25.65 1.45
CA LYS A 246 -3.52 -25.64 0.13
C LYS A 246 -5.02 -25.92 0.26
N ARG A 247 -5.80 -24.86 0.13
CA ARG A 247 -7.25 -24.98 0.03
C ARG A 247 -7.61 -25.35 -1.41
N LEU A 248 -8.90 -25.32 -1.73
CA LEU A 248 -9.40 -25.72 -3.05
C LEU A 248 -8.73 -24.97 -4.20
N PHE A 249 -8.98 -23.66 -4.26
CA PHE A 249 -8.45 -22.81 -5.32
C PHE A 249 -7.27 -21.97 -4.86
N ASP A 250 -7.35 -21.48 -3.63
CA ASP A 250 -6.34 -20.56 -3.08
C ASP A 250 -5.45 -21.24 -2.05
N TYR A 251 -4.52 -20.47 -1.50
CA TYR A 251 -3.78 -20.85 -0.31
C TYR A 251 -4.17 -19.91 0.83
N VAL A 252 -3.94 -20.35 2.06
CA VAL A 252 -4.30 -19.58 3.25
C VAL A 252 -3.31 -19.77 4.39
N VAL A 253 -3.18 -18.75 5.22
CA VAL A 253 -2.50 -18.87 6.52
C VAL A 253 -3.48 -18.56 7.62
N LYS A 254 -3.14 -18.89 8.86
CA LYS A 254 -3.89 -18.39 10.01
C LYS A 254 -3.77 -16.87 9.99
N CYS A 255 -4.88 -16.17 10.22
CA CYS A 255 -4.91 -14.72 10.04
C CYS A 255 -3.89 -13.98 10.90
N ASN A 256 -3.66 -14.49 12.11
CA ASN A 256 -2.66 -13.91 13.01
C ASN A 256 -1.21 -14.03 12.51
N GLU A 257 -0.96 -15.04 11.69
CA GLU A 257 0.37 -15.27 11.11
C GLU A 257 0.68 -14.35 9.93
N GLY A 258 -0.34 -13.72 9.36
CA GLY A 258 -0.22 -12.92 8.16
C GLY A 258 0.86 -11.84 8.16
N PRO A 259 0.83 -10.93 9.12
CA PRO A 259 1.82 -9.84 9.19
C PRO A 259 3.28 -10.28 9.37
N THR A 260 3.53 -11.49 9.86
CA THR A 260 4.90 -11.97 10.10
C THR A 260 5.45 -12.86 8.97
N LEU A 261 4.67 -13.04 7.91
CA LEU A 261 5.14 -13.80 6.75
C LEU A 261 6.28 -13.03 6.08
N PRO A 262 7.20 -13.74 5.44
CA PRO A 262 8.42 -13.11 4.93
C PRO A 262 8.19 -12.30 3.67
N ASP A 263 9.15 -11.44 3.36
CA ASP A 263 9.18 -10.73 2.09
C ASP A 263 9.39 -11.71 0.97
N ILE A 264 8.72 -11.47 -0.15
CA ILE A 264 8.97 -12.19 -1.39
C ILE A 264 9.49 -11.19 -2.42
N SER A 265 10.63 -11.50 -3.03
CA SER A 265 11.25 -10.61 -4.00
C SER A 265 11.34 -11.24 -5.38
N PHE A 266 11.36 -10.39 -6.40
CA PHE A 266 11.31 -10.81 -7.79
C PHE A 266 12.40 -10.08 -8.55
N HIS A 267 13.45 -10.81 -8.91
CA HIS A 267 14.62 -10.23 -9.58
C HIS A 267 14.33 -10.04 -11.07
N LEU A 268 14.14 -8.79 -11.48
CA LEU A 268 13.83 -8.45 -12.86
C LEU A 268 14.77 -7.37 -13.37
N GLY A 269 15.59 -7.72 -14.35
CA GLY A 269 16.46 -6.76 -15.03
C GLY A 269 17.42 -5.98 -14.15
N GLY A 270 18.11 -6.66 -13.25
CA GLY A 270 19.11 -6.00 -12.41
C GLY A 270 18.54 -5.16 -11.28
N LYS A 271 17.29 -5.42 -10.90
CA LYS A 271 16.63 -4.75 -9.78
C LYS A 271 15.75 -5.75 -9.03
N GLU A 272 15.68 -5.61 -7.70
CA GLU A 272 14.83 -6.47 -6.90
C GLU A 272 13.49 -5.77 -6.63
N TYR A 273 12.40 -6.50 -6.86
CA TYR A 273 11.05 -5.99 -6.67
C TYR A 273 10.42 -6.73 -5.51
N THR A 274 10.24 -6.05 -4.39
CA THR A 274 9.92 -6.70 -3.13
C THR A 274 8.51 -6.39 -2.66
N LEU A 275 7.76 -7.46 -2.41
CA LEU A 275 6.47 -7.39 -1.74
C LEU A 275 6.64 -7.83 -0.28
N THR A 276 6.07 -7.07 0.65
CA THR A 276 5.95 -7.50 2.04
C THR A 276 4.67 -8.31 2.18
N SER A 277 4.40 -8.77 3.40
CA SER A 277 3.17 -9.53 3.66
C SER A 277 1.94 -8.64 3.48
N ALA A 278 2.08 -7.35 3.79
CA ALA A 278 1.00 -6.39 3.58
C ALA A 278 0.54 -6.32 2.12
N ASP A 279 1.43 -6.63 1.19
CA ASP A 279 1.15 -6.61 -0.24
C ASP A 279 0.49 -7.88 -0.80
N TYR A 280 0.68 -9.02 -0.14
CA TYR A 280 0.16 -10.28 -0.71
C TYR A 280 -0.77 -11.11 0.17
N VAL A 281 -1.08 -10.66 1.39
CA VAL A 281 -2.13 -11.32 2.15
C VAL A 281 -3.32 -10.36 2.29
N PHE A 282 -4.50 -10.93 2.14
CA PHE A 282 -5.75 -10.24 2.40
C PHE A 282 -5.97 -10.26 3.90
N GLN A 283 -5.39 -9.29 4.59
CA GLN A 283 -5.49 -9.20 6.04
C GLN A 283 -6.89 -8.73 6.45
N GLU A 284 -7.82 -9.68 6.53
CA GLU A 284 -9.21 -9.43 6.89
C GLU A 284 -9.40 -9.48 8.41
N SER A 285 -8.39 -9.95 9.12
CA SER A 285 -8.47 -10.20 10.54
C SER A 285 -7.10 -10.49 11.13
N TYR A 286 -7.02 -10.49 12.46
CA TYR A 286 -5.80 -10.89 13.16
C TYR A 286 -6.08 -12.12 14.02
N SER A 287 -7.21 -12.78 13.78
CA SER A 287 -7.67 -13.88 14.61
C SER A 287 -6.97 -15.18 14.22
N SER A 288 -6.51 -15.93 15.21
CA SER A 288 -5.95 -17.26 14.97
C SER A 288 -7.00 -18.30 14.60
N LYS A 289 -8.28 -17.95 14.74
CA LYS A 289 -9.40 -18.83 14.39
C LYS A 289 -9.89 -18.65 12.95
N LYS A 290 -9.75 -17.44 12.39
CA LYS A 290 -10.12 -17.17 11.00
C LYS A 290 -8.95 -17.47 10.06
N LEU A 291 -9.28 -17.75 8.80
CA LEU A 291 -8.30 -18.01 7.75
C LEU A 291 -8.20 -16.82 6.79
N CYS A 292 -6.98 -16.51 6.36
CA CYS A 292 -6.72 -15.38 5.46
C CYS A 292 -6.10 -15.85 4.16
N THR A 293 -6.65 -15.38 3.04
CA THR A 293 -6.18 -15.77 1.72
C THR A 293 -4.94 -14.98 1.29
N LEU A 294 -4.09 -15.63 0.50
CA LEU A 294 -2.93 -15.00 -0.07
C LEU A 294 -3.21 -14.66 -1.52
N ALA A 295 -2.67 -13.53 -1.97
CA ALA A 295 -2.86 -13.07 -3.35
C ALA A 295 -1.84 -13.72 -4.28
N ILE A 296 -1.50 -14.98 -4.00
CA ILE A 296 -0.62 -15.78 -4.85
C ILE A 296 -1.29 -17.14 -5.09
N HIS A 297 -1.29 -17.57 -6.35
CA HIS A 297 -2.00 -18.77 -6.78
C HIS A 297 -1.06 -19.67 -7.57
N ALA A 298 -1.53 -20.88 -7.86
CA ALA A 298 -0.86 -21.78 -8.77
C ALA A 298 -1.60 -21.70 -10.10
N MET A 299 -0.86 -21.55 -11.19
CA MET A 299 -1.42 -21.65 -12.52
C MET A 299 -0.39 -22.21 -13.49
N ASP A 300 -0.74 -23.32 -14.12
CA ASP A 300 0.08 -23.96 -15.14
C ASP A 300 -0.36 -23.47 -16.50
N ILE A 301 0.35 -22.47 -17.00
CA ILE A 301 0.07 -21.89 -18.31
C ILE A 301 0.82 -22.72 -19.35
N PRO A 302 0.12 -23.21 -20.38
CA PRO A 302 0.73 -24.10 -21.37
C PRO A 302 1.56 -23.33 -22.40
N PRO A 303 2.41 -24.03 -23.16
CA PRO A 303 3.16 -23.39 -24.26
C PRO A 303 2.24 -22.78 -25.34
N PRO A 304 2.74 -21.83 -26.12
CA PRO A 304 4.14 -21.36 -26.07
C PRO A 304 4.41 -20.26 -25.02
N THR A 305 3.37 -19.68 -24.44
CA THR A 305 3.54 -18.60 -23.46
C THR A 305 4.22 -19.09 -22.19
N GLY A 306 3.81 -20.26 -21.70
CA GLY A 306 4.40 -20.87 -20.51
C GLY A 306 5.30 -22.04 -20.84
N PRO A 307 5.83 -22.75 -19.83
CA PRO A 307 5.57 -22.46 -18.41
C PRO A 307 6.17 -21.13 -17.95
N THR A 308 5.43 -20.38 -17.13
CA THR A 308 5.85 -19.07 -16.67
C THR A 308 5.15 -18.61 -15.38
N TRP A 309 5.80 -17.69 -14.66
CA TRP A 309 5.14 -16.91 -13.62
C TRP A 309 4.30 -15.84 -14.29
N ALA A 310 3.26 -15.37 -13.59
CA ALA A 310 2.47 -14.23 -14.03
C ALA A 310 2.41 -13.18 -12.93
N LEU A 311 2.83 -11.95 -13.25
CA LEU A 311 2.80 -10.86 -12.30
C LEU A 311 1.49 -10.08 -12.49
N GLY A 312 0.46 -10.45 -11.75
CA GLY A 312 -0.84 -9.83 -11.86
C GLY A 312 -1.01 -8.63 -10.95
N ALA A 313 -2.25 -8.39 -10.54
CA ALA A 313 -2.61 -7.17 -9.82
C ALA A 313 -1.95 -7.05 -8.45
N THR A 314 -1.60 -8.18 -7.84
CA THR A 314 -0.83 -8.14 -6.59
C THR A 314 0.48 -7.37 -6.78
N PHE A 315 1.14 -7.65 -7.90
CA PHE A 315 2.41 -7.02 -8.25
C PHE A 315 2.25 -5.58 -8.74
N ILE A 316 1.31 -5.36 -9.66
CA ILE A 316 1.13 -4.04 -10.27
C ILE A 316 0.65 -3.00 -9.27
N ARG A 317 -0.08 -3.44 -8.24
CA ARG A 317 -0.49 -2.55 -7.14
C ARG A 317 0.71 -1.89 -6.49
N LYS A 318 1.77 -2.67 -6.26
CA LYS A 318 3.01 -2.16 -5.70
C LYS A 318 3.81 -1.34 -6.72
N PHE A 319 3.87 -1.81 -7.95
CA PHE A 319 4.72 -1.20 -8.98
C PHE A 319 3.94 -0.75 -10.23
N TYR A 320 3.71 0.56 -10.33
CA TYR A 320 3.21 1.19 -11.55
C TYR A 320 3.93 0.61 -12.78
N THR A 321 3.17 0.23 -13.79
CA THR A 321 3.74 -0.54 -14.91
C THR A 321 3.48 0.13 -16.25
N GLU A 322 4.57 0.40 -16.98
CA GLU A 322 4.48 0.93 -18.34
C GLU A 322 4.77 -0.18 -19.32
N PHE A 323 3.85 -0.39 -20.25
CA PHE A 323 4.03 -1.32 -21.36
C PHE A 323 4.43 -0.52 -22.60
N ASP A 324 5.59 -0.83 -23.16
CA ASP A 324 6.20 -0.05 -24.23
C ASP A 324 6.28 -0.87 -25.51
N ARG A 325 5.38 -0.59 -26.46
CA ARG A 325 5.34 -1.31 -27.73
C ARG A 325 6.45 -0.85 -28.70
N ARG A 326 6.80 0.42 -28.62
CA ARG A 326 7.80 1.03 -29.50
C ARG A 326 9.19 0.41 -29.34
N ASN A 327 9.58 0.08 -28.11
CA ASN A 327 10.90 -0.50 -27.82
C ASN A 327 10.82 -1.91 -27.22
N ASN A 328 9.64 -2.51 -27.27
CA ASN A 328 9.42 -3.86 -26.74
C ASN A 328 10.05 -4.08 -25.38
N ARG A 329 9.59 -3.31 -24.40
CA ARG A 329 10.04 -3.44 -23.02
C ARG A 329 8.93 -3.12 -22.03
N ILE A 330 9.17 -3.47 -20.77
CA ILE A 330 8.24 -3.15 -19.69
C ILE A 330 9.00 -2.37 -18.62
N GLY A 331 8.46 -1.23 -18.23
CA GLY A 331 9.04 -0.43 -17.16
C GLY A 331 8.24 -0.55 -15.87
N PHE A 332 8.96 -0.53 -14.75
CA PHE A 332 8.34 -0.56 -13.43
C PHE A 332 8.84 0.62 -12.62
N ALA A 333 7.93 1.22 -11.85
CA ALA A 333 8.26 2.24 -10.88
C ALA A 333 7.38 2.07 -9.64
N LEU A 334 7.88 2.51 -8.50
CA LEU A 334 7.14 2.42 -7.24
C LEU A 334 5.85 3.24 -7.35
N ALA A 335 4.71 2.58 -7.24
CA ALA A 335 3.41 3.24 -7.25
C ALA A 335 3.19 4.09 -5.99
N ARG A 336 2.29 5.07 -6.10
CA ARG A 336 1.95 5.95 -4.98
C ARG A 336 0.46 6.34 -4.98
N ASN B 1 11.42 20.51 -6.16
CA ASN B 1 10.33 20.08 -7.08
C ASN B 1 9.80 18.66 -6.78
N THR B 2 10.35 18.03 -5.74
CA THR B 2 10.12 16.62 -5.48
C THR B 2 9.32 16.38 -4.20
N THR B 3 8.41 15.40 -4.31
CA THR B 3 7.73 14.81 -3.17
C THR B 3 8.05 13.31 -3.17
N SER B 4 8.04 12.70 -1.99
CA SER B 4 8.31 11.28 -1.85
C SER B 4 7.40 10.69 -0.79
N SER B 5 6.49 9.82 -1.19
CA SER B 5 5.57 9.19 -0.26
C SER B 5 5.91 7.72 0.01
N VAL B 6 5.64 7.29 1.24
CA VAL B 6 5.77 5.90 1.64
C VAL B 6 4.43 5.44 2.19
N ILE B 7 3.86 4.40 1.59
CA ILE B 7 2.64 3.79 2.09
C ILE B 7 2.95 3.04 3.39
N LEU B 8 2.06 3.17 4.36
CA LEU B 8 2.25 2.60 5.68
C LEU B 8 1.23 1.50 5.93
N THR B 9 1.62 0.56 6.77
CA THR B 9 0.76 -0.53 7.20
C THR B 9 0.23 -0.20 8.59
N ASN B 10 -1.07 -0.35 8.79
CA ASN B 10 -1.68 -0.19 10.10
C ASN B 10 -1.92 -1.55 10.74
N TYR B 11 -1.16 -1.86 11.78
CA TYR B 11 -1.40 -3.04 12.61
C TYR B 11 -2.16 -2.68 13.88
N MET B 12 -3.43 -3.06 13.95
CA MET B 12 -4.26 -2.96 15.16
C MET B 12 -4.41 -1.55 15.76
N ASP B 13 -4.19 -0.52 14.94
CA ASP B 13 -4.27 0.87 15.38
C ASP B 13 -3.18 1.28 16.41
N THR B 14 -2.13 0.48 16.59
CA THR B 14 -1.09 0.79 17.57
C THR B 14 0.32 0.79 17.00
N GLN B 15 0.48 0.30 15.77
CA GLN B 15 1.76 0.33 15.08
C GLN B 15 1.53 0.77 13.65
N TYR B 16 2.38 1.65 13.17
CA TYR B 16 2.32 2.15 11.81
C TYR B 16 3.73 2.18 11.27
N TYR B 17 3.93 1.55 10.12
CA TYR B 17 5.27 1.36 9.57
C TYR B 17 5.25 1.18 8.06
N GLY B 18 6.31 1.62 7.40
CA GLY B 18 6.47 1.42 5.97
C GLY B 18 7.85 0.91 5.64
N GLU B 19 8.13 0.76 4.35
CA GLU B 19 9.39 0.18 3.88
C GLU B 19 10.47 1.22 3.68
N ILE B 20 11.70 0.88 4.10
CA ILE B 20 12.91 1.49 3.57
C ILE B 20 13.86 0.41 3.05
N GLY B 21 14.72 0.80 2.11
CA GLY B 21 15.78 -0.06 1.65
C GLY B 21 17.11 0.46 2.15
N ILE B 22 17.94 -0.40 2.72
CA ILE B 22 19.31 -0.04 3.10
C ILE B 22 20.30 -0.88 2.31
N GLY B 23 21.30 -0.24 1.72
CA GLY B 23 22.40 -0.92 1.07
C GLY B 23 22.29 -1.02 -0.43
N THR B 24 23.25 -1.76 -1.01
CA THR B 24 23.32 -1.97 -2.45
C THR B 24 23.68 -3.45 -2.70
N PRO B 25 22.73 -4.28 -3.13
CA PRO B 25 21.34 -3.86 -3.39
C PRO B 25 20.58 -3.53 -2.09
N PRO B 26 19.42 -2.89 -2.20
CA PRO B 26 18.63 -2.54 -1.01
C PRO B 26 18.03 -3.74 -0.29
N GLN B 27 18.23 -3.81 1.03
CA GLN B 27 17.57 -4.79 1.90
C GLN B 27 16.37 -4.11 2.55
N THR B 28 15.21 -4.77 2.51
CA THR B 28 13.96 -4.14 2.92
C THR B 28 13.63 -4.33 4.40
N PHE B 29 13.37 -3.23 5.09
CA PHE B 29 12.94 -3.23 6.49
C PHE B 29 11.63 -2.48 6.65
N LYS B 30 10.83 -2.92 7.61
CA LYS B 30 9.64 -2.21 8.01
C LYS B 30 10.05 -1.28 9.15
N VAL B 31 9.80 0.03 9.00
CA VAL B 31 10.18 0.98 10.04
C VAL B 31 9.03 1.89 10.45
N VAL B 32 9.01 2.28 11.73
CA VAL B 32 8.14 3.32 12.21
C VAL B 32 8.79 4.66 11.91
N PHE B 33 8.06 5.59 11.30
CA PHE B 33 8.57 6.94 11.07
C PHE B 33 8.14 7.80 12.27
N ASP B 34 9.15 8.27 13.03
CA ASP B 34 8.97 8.62 14.44
C ASP B 34 9.46 10.05 14.78
N THR B 35 8.54 10.99 14.93
CA THR B 35 8.91 12.38 15.27
C THR B 35 9.35 12.55 16.72
N GLY B 36 9.07 11.56 17.58
CA GLY B 36 9.53 11.57 18.96
C GLY B 36 10.94 11.04 19.20
N SER B 37 11.64 10.68 18.13
CA SER B 37 13.06 10.30 18.19
C SER B 37 13.78 10.79 16.94
N SER B 38 15.10 10.73 16.96
CA SER B 38 15.92 11.36 15.90
C SER B 38 17.00 10.45 15.27
N ASN B 39 17.04 9.18 15.66
CA ASN B 39 18.01 8.22 15.14
C ASN B 39 17.32 7.19 14.26
N VAL B 40 18.03 6.77 13.22
CA VAL B 40 17.63 5.62 12.41
C VAL B 40 18.26 4.38 13.03
N TRP B 41 17.58 3.24 12.93
CA TRP B 41 18.14 1.95 13.37
C TRP B 41 17.34 0.76 12.84
N VAL B 42 18.06 -0.29 12.47
CA VAL B 42 17.46 -1.56 12.10
C VAL B 42 18.19 -2.69 12.83
N PRO B 43 17.58 -3.87 12.93
CA PRO B 43 18.24 -4.99 13.59
C PRO B 43 19.48 -5.41 12.81
N SER B 44 20.46 -5.98 13.50
CA SER B 44 21.75 -6.31 12.88
C SER B 44 21.90 -7.80 12.68
N SER B 45 22.69 -8.16 11.67
CA SER B 45 23.06 -9.56 11.43
C SER B 45 23.96 -10.09 12.56
N LYS B 46 24.69 -9.19 13.21
CA LYS B 46 25.54 -9.56 14.35
C LYS B 46 24.75 -9.79 15.64
N CYS B 47 23.46 -9.49 15.62
CA CYS B 47 22.60 -9.66 16.79
C CYS B 47 22.45 -11.14 17.14
N SER B 48 22.87 -11.50 18.35
CA SER B 48 22.83 -12.88 18.82
C SER B 48 21.40 -13.41 18.86
N ARG B 49 21.23 -14.69 18.55
CA ARG B 49 19.90 -15.31 18.44
C ARG B 49 19.29 -15.66 19.81
N LEU B 50 20.02 -15.38 20.88
CA LEU B 50 19.50 -15.52 22.24
C LEU B 50 18.39 -14.49 22.49
N TYR B 51 18.52 -13.31 21.89
CA TYR B 51 17.43 -12.34 21.81
C TYR B 51 16.45 -12.87 20.76
N THR B 52 15.27 -13.31 21.21
CA THR B 52 14.29 -13.93 20.31
C THR B 52 13.73 -12.95 19.27
N ALA B 53 13.80 -11.65 19.56
CA ALA B 53 13.33 -10.62 18.63
C ALA B 53 14.13 -10.64 17.33
N CYS B 54 15.45 -10.81 17.43
CA CYS B 54 16.31 -10.88 16.26
C CYS B 54 16.11 -12.12 15.41
N VAL B 55 15.62 -13.20 16.01
CA VAL B 55 15.29 -14.42 15.27
C VAL B 55 14.07 -14.20 14.37
N TYR B 56 13.16 -13.33 14.79
CA TYR B 56 11.91 -13.08 14.07
C TYR B 56 11.84 -11.70 13.39
N HIS B 57 12.99 -11.09 13.12
CA HIS B 57 13.04 -9.85 12.35
C HIS B 57 14.03 -9.92 11.21
N LYS B 58 13.96 -8.93 10.33
CA LYS B 58 14.92 -8.79 9.24
C LYS B 58 16.21 -8.21 9.79
N LEU B 59 17.34 -8.78 9.36
CA LEU B 59 18.65 -8.35 9.82
C LEU B 59 19.43 -7.71 8.68
N PHE B 60 20.09 -6.60 8.96
CA PHE B 60 20.97 -5.95 8.00
C PHE B 60 22.33 -6.64 7.98
N ASP B 61 22.66 -7.22 6.83
CA ASP B 61 23.97 -7.85 6.60
C ASP B 61 24.85 -6.87 5.85
N ALA B 62 25.79 -6.25 6.57
CA ALA B 62 26.68 -5.25 5.98
C ALA B 62 27.64 -5.83 4.92
N SER B 63 27.95 -7.12 5.04
CA SER B 63 28.85 -7.79 4.08
C SER B 63 28.22 -7.95 2.70
N ASP B 64 26.89 -7.99 2.64
CA ASP B 64 26.15 -8.12 1.39
C ASP B 64 25.82 -6.78 0.72
N SER B 65 26.41 -5.69 1.21
CA SER B 65 26.18 -4.35 0.65
C SER B 65 27.51 -3.68 0.27
N SER B 66 27.65 -3.34 -1.02
CA SER B 66 28.86 -2.71 -1.54
C SER B 66 28.95 -1.20 -1.24
N SER B 67 27.89 -0.63 -0.69
CA SER B 67 27.86 0.79 -0.34
C SER B 67 28.11 1.03 1.16
N TYR B 68 28.18 -0.05 1.93
CA TYR B 68 28.40 0.01 3.37
C TYR B 68 29.80 0.51 3.73
N LYS B 69 29.85 1.47 4.65
CA LYS B 69 31.10 1.99 5.21
C LYS B 69 31.06 1.80 6.73
N HIS B 70 32.16 1.31 7.31
CA HIS B 70 32.21 0.91 8.71
C HIS B 70 32.31 2.12 9.66
N ASN B 71 31.77 1.95 10.88
CA ASN B 71 31.90 2.92 11.97
C ASN B 71 31.33 2.31 13.25
N GLY B 72 32.16 1.64 14.05
CA GLY B 72 31.66 0.85 15.17
C GLY B 72 31.40 1.58 16.49
N THR B 73 31.02 2.84 16.42
CA THR B 73 30.70 3.63 17.61
C THR B 73 29.41 3.15 18.25
N GLU B 74 29.47 2.78 19.52
CA GLU B 74 28.31 2.25 20.22
C GLU B 74 27.25 3.33 20.50
N LEU B 75 26.00 2.89 20.68
CA LEU B 75 24.91 3.77 21.09
C LEU B 75 23.73 3.00 21.70
N THR B 76 23.08 3.63 22.67
CA THR B 76 21.87 3.10 23.27
C THR B 76 20.74 4.07 22.95
N LEU B 77 19.61 3.53 22.51
CA LEU B 77 18.42 4.31 22.23
C LEU B 77 17.31 3.89 23.19
N ARG B 78 16.84 4.84 23.98
CA ARG B 78 15.84 4.57 25.00
C ARG B 78 14.52 5.25 24.63
N TYR B 79 13.48 4.44 24.44
CA TYR B 79 12.12 4.93 24.22
C TYR B 79 11.31 4.75 25.50
N SER B 80 10.15 5.40 25.54
CA SER B 80 9.19 5.23 26.63
C SER B 80 9.10 3.79 27.13
N THR B 81 9.00 2.87 26.18
CA THR B 81 8.60 1.50 26.50
C THR B 81 9.77 0.52 26.43
N GLY B 82 10.49 0.52 25.31
CA GLY B 82 11.61 -0.40 25.11
C GLY B 82 12.96 0.28 24.94
N THR B 83 14.03 -0.51 24.99
CA THR B 83 15.41 -0.03 24.85
C THR B 83 16.24 -0.96 23.98
N VAL B 84 17.01 -0.37 23.05
CA VAL B 84 17.91 -1.12 22.17
C VAL B 84 19.31 -0.54 22.19
N SER B 85 20.30 -1.37 21.85
CA SER B 85 21.69 -0.94 21.77
C SER B 85 22.38 -1.56 20.56
N GLY B 86 23.47 -0.95 20.13
CA GLY B 86 24.19 -1.42 18.96
C GLY B 86 25.37 -0.55 18.61
N PHE B 87 25.64 -0.40 17.31
CA PHE B 87 26.76 0.41 16.83
C PHE B 87 26.41 1.08 15.51
N LEU B 88 27.21 2.06 15.10
CA LEU B 88 26.88 2.88 13.93
C LEU B 88 27.40 2.27 12.64
N SER B 89 26.68 2.50 11.56
CA SER B 89 27.12 2.13 10.21
C SER B 89 26.64 3.19 9.24
N GLN B 90 27.26 3.23 8.06
CA GLN B 90 26.86 4.15 7.01
C GLN B 90 26.45 3.37 5.76
N ASP B 91 25.43 3.88 5.07
CA ASP B 91 24.95 3.27 3.84
C ASP B 91 23.89 4.14 3.17
N ILE B 92 23.47 3.76 1.97
CA ILE B 92 22.40 4.45 1.25
C ILE B 92 21.06 3.90 1.72
N ILE B 93 20.13 4.80 2.04
CA ILE B 93 18.76 4.41 2.40
C ILE B 93 17.80 4.93 1.34
N THR B 94 16.94 4.05 0.85
CA THR B 94 15.87 4.40 -0.08
C THR B 94 14.59 4.67 0.71
N VAL B 95 14.15 5.92 0.74
CA VAL B 95 12.83 6.27 1.26
C VAL B 95 11.92 6.75 0.12
N GLY B 96 11.20 5.80 -0.46
CA GLY B 96 10.17 6.09 -1.46
C GLY B 96 10.66 6.87 -2.66
N GLY B 97 11.62 6.32 -3.38
CA GLY B 97 12.14 6.97 -4.58
C GLY B 97 13.21 8.03 -4.36
N ILE B 98 13.53 8.35 -3.11
CA ILE B 98 14.67 9.19 -2.75
C ILE B 98 15.76 8.29 -2.15
N THR B 99 17.01 8.49 -2.57
CA THR B 99 18.15 7.80 -1.96
C THR B 99 19.03 8.80 -1.22
N VAL B 100 19.56 8.40 -0.06
CA VAL B 100 20.35 9.29 0.78
C VAL B 100 21.35 8.51 1.65
N THR B 101 22.60 8.95 1.63
CA THR B 101 23.64 8.38 2.48
C THR B 101 23.34 8.78 3.92
N GLN B 102 23.34 7.80 4.82
CA GLN B 102 22.80 7.96 6.17
C GLN B 102 23.56 7.16 7.21
N MET B 103 23.79 7.76 8.37
CA MET B 103 24.32 7.06 9.53
C MET B 103 23.17 6.55 10.39
N PHE B 104 23.11 5.22 10.55
CA PHE B 104 22.11 4.55 11.36
C PHE B 104 22.76 3.54 12.31
N GLY B 105 21.94 3.00 13.21
CA GLY B 105 22.39 2.02 14.18
C GLY B 105 22.06 0.60 13.76
N GLU B 106 23.07 -0.25 13.71
CA GLU B 106 22.87 -1.70 13.66
C GLU B 106 22.70 -2.17 15.11
N VAL B 107 21.59 -2.84 15.38
CA VAL B 107 21.18 -3.15 16.76
C VAL B 107 21.49 -4.62 17.07
N THR B 108 22.20 -4.85 18.16
CA THR B 108 22.60 -6.20 18.60
C THR B 108 21.92 -6.64 19.91
N GLU B 109 21.34 -5.69 20.63
CA GLU B 109 20.55 -5.96 21.84
C GLU B 109 19.10 -5.55 21.60
N MET B 110 18.17 -6.48 21.79
CA MET B 110 16.78 -6.27 21.41
C MET B 110 15.81 -7.10 22.28
N PRO B 111 15.38 -6.54 23.40
CA PRO B 111 14.55 -7.29 24.37
C PRO B 111 13.25 -7.83 23.80
N ALA B 112 12.81 -8.98 24.31
CA ALA B 112 11.53 -9.57 23.89
C ALA B 112 10.37 -8.63 24.23
N LEU B 113 10.47 -8.00 25.40
CA LEU B 113 9.50 -6.98 25.79
C LEU B 113 10.17 -5.63 25.46
N PRO B 114 9.66 -4.88 24.47
CA PRO B 114 8.48 -5.21 23.68
C PRO B 114 8.72 -5.66 22.23
N PHE B 115 9.96 -5.81 21.78
CA PHE B 115 10.25 -5.95 20.34
C PHE B 115 9.84 -7.27 19.67
N MET B 116 9.43 -8.26 20.46
CA MET B 116 8.78 -9.46 19.93
C MET B 116 7.37 -9.14 19.42
N LEU B 117 6.75 -8.14 20.01
CA LEU B 117 5.44 -7.63 19.57
C LEU B 117 5.54 -6.73 18.35
N ALA B 118 6.71 -6.13 18.14
CA ALA B 118 6.92 -5.23 17.01
C ALA B 118 6.74 -5.96 15.68
N GLU B 119 5.78 -5.50 14.88
CA GLU B 119 5.60 -5.98 13.52
C GLU B 119 6.57 -5.26 12.59
N PHE B 120 7.09 -4.12 13.05
CA PHE B 120 8.14 -3.40 12.38
C PHE B 120 9.51 -3.93 12.84
N ASP B 121 10.52 -3.78 11.98
CA ASP B 121 11.90 -4.16 12.29
C ASP B 121 12.69 -3.05 12.98
N GLY B 122 12.44 -1.80 12.58
CA GLY B 122 13.24 -0.68 13.04
C GLY B 122 12.49 0.64 13.13
N VAL B 123 13.25 1.71 13.25
CA VAL B 123 12.70 3.04 13.45
C VAL B 123 13.49 4.06 12.63
N VAL B 124 12.76 4.96 11.97
CA VAL B 124 13.37 6.08 11.26
C VAL B 124 12.98 7.35 12.02
N GLY B 125 13.93 7.91 12.77
CA GLY B 125 13.68 9.09 13.58
C GLY B 125 13.49 10.35 12.73
N MET B 126 12.35 10.99 12.88
CA MET B 126 12.03 12.22 12.14
C MET B 126 12.19 13.45 13.03
N GLY B 127 12.83 13.28 14.19
CA GLY B 127 13.04 14.36 15.12
C GLY B 127 14.22 15.22 14.71
N PHE B 128 14.58 16.15 15.59
CA PHE B 128 15.69 17.08 15.34
C PHE B 128 17.02 16.49 15.79
N ILE B 129 18.09 16.99 15.20
CA ILE B 129 19.47 16.64 15.52
C ILE B 129 19.83 16.90 17.00
N GLU B 130 19.10 17.79 17.66
CA GLU B 130 19.36 18.13 19.05
C GLU B 130 19.08 16.97 20.01
N GLN B 131 18.05 16.17 19.70
CA GLN B 131 17.72 14.98 20.47
C GLN B 131 18.36 13.70 19.90
N ALA B 132 19.21 13.85 18.89
CA ALA B 132 19.92 12.73 18.28
C ALA B 132 21.06 12.23 19.17
N ILE B 133 20.97 10.97 19.58
CA ILE B 133 22.02 10.34 20.38
C ILE B 133 23.23 10.03 19.49
N GLY B 134 24.42 10.40 19.98
CA GLY B 134 25.66 10.27 19.24
C GLY B 134 25.91 11.42 18.26
N ARG B 135 25.13 12.50 18.39
CA ARG B 135 25.15 13.65 17.46
C ARG B 135 24.96 13.28 15.98
N VAL B 136 24.34 12.13 15.71
CA VAL B 136 24.20 11.63 14.34
C VAL B 136 23.18 12.50 13.60
N THR B 137 23.52 12.87 12.37
CA THR B 137 22.65 13.68 11.54
C THR B 137 21.42 12.88 11.15
N PRO B 138 20.21 13.34 11.55
CA PRO B 138 18.98 12.63 11.24
C PRO B 138 18.69 12.58 9.74
N ILE B 139 17.91 11.61 9.31
CA ILE B 139 17.70 11.37 7.89
C ILE B 139 17.02 12.53 7.14
N PHE B 140 16.05 13.18 7.76
CA PHE B 140 15.36 14.27 7.10
C PHE B 140 16.28 15.46 6.84
N ASP B 141 17.23 15.69 7.74
CA ASP B 141 18.23 16.75 7.56
C ASP B 141 19.11 16.46 6.34
N ASN B 142 19.56 15.21 6.21
CA ASN B 142 20.36 14.81 5.05
C ASN B 142 19.59 14.89 3.73
N ILE B 143 18.27 14.70 3.76
CA ILE B 143 17.47 14.79 2.54
C ILE B 143 17.23 16.25 2.18
N ILE B 144 17.07 17.10 3.18
CA ILE B 144 16.98 18.55 2.98
C ILE B 144 18.24 19.06 2.28
N SER B 145 19.39 18.46 2.62
CA SER B 145 20.69 18.89 2.11
C SER B 145 20.84 18.70 0.60
N GLN B 146 20.33 17.59 0.07
CA GLN B 146 20.38 17.35 -1.38
C GLN B 146 19.44 18.27 -2.19
N GLY B 147 18.56 18.98 -1.49
CA GLY B 147 17.83 20.11 -2.04
C GLY B 147 16.89 19.75 -3.16
N VAL B 148 16.23 18.60 -3.04
CA VAL B 148 15.30 18.12 -4.05
C VAL B 148 13.83 18.36 -3.67
N LEU B 149 13.54 18.50 -2.37
CA LEU B 149 12.16 18.60 -1.89
C LEU B 149 11.48 19.93 -2.25
N LYS B 150 10.17 19.87 -2.48
CA LYS B 150 9.34 21.04 -2.80
C LYS B 150 9.32 22.02 -1.63
N GLU B 151 9.11 21.48 -0.43
CA GLU B 151 9.13 22.27 0.81
C GLU B 151 9.82 21.46 1.90
N ASP B 152 10.37 22.15 2.90
CA ASP B 152 11.06 21.49 4.00
C ASP B 152 10.06 21.06 5.07
N VAL B 153 9.13 20.19 4.67
CA VAL B 153 8.07 19.70 5.52
C VAL B 153 7.81 18.22 5.23
N PHE B 154 7.23 17.52 6.19
CA PHE B 154 6.74 16.18 5.94
C PHE B 154 5.45 15.96 6.71
N SER B 155 4.57 15.11 6.18
CA SER B 155 3.25 14.94 6.73
C SER B 155 2.88 13.48 6.95
N PHE B 156 1.95 13.25 7.88
CA PHE B 156 1.51 11.93 8.30
C PHE B 156 0.01 11.79 8.16
N TYR B 157 -0.40 10.71 7.53
CA TYR B 157 -1.77 10.21 7.55
C TYR B 157 -1.71 8.84 8.21
N TYR B 158 -2.44 8.68 9.31
CA TYR B 158 -2.69 7.36 9.91
C TYR B 158 -4.17 7.04 9.78
N ASN B 159 -4.50 5.97 9.06
CA ASN B 159 -5.87 5.55 8.83
C ASN B 159 -6.44 4.77 10.02
N ARG B 160 -7.76 4.69 10.09
CA ARG B 160 -8.47 3.80 11.02
C ARG B 160 -8.37 2.36 10.49
N ASP B 161 -8.38 1.39 11.41
CA ASP B 161 -8.32 -0.02 11.06
C ASP B 161 -9.70 -0.49 10.62
N SER B 162 -9.74 -1.29 9.55
CA SER B 162 -10.97 -1.91 9.09
C SER B 162 -10.71 -3.38 8.70
N GLU B 163 -11.52 -4.28 9.25
CA GLU B 163 -11.37 -5.72 9.02
C GLU B 163 -12.00 -6.19 7.70
N ASN B 164 -12.67 -5.29 6.97
CA ASN B 164 -13.33 -5.65 5.71
C ASN B 164 -12.74 -4.92 4.50
N SER B 165 -11.44 -4.62 4.57
CA SER B 165 -10.73 -4.00 3.44
C SER B 165 -9.22 -4.25 3.48
N GLN B 166 -8.57 -4.02 2.35
CA GLN B 166 -7.10 -4.03 2.24
C GLN B 166 -6.64 -2.59 2.08
N SER B 167 -7.14 -1.75 2.97
CA SER B 167 -7.04 -0.31 2.83
C SER B 167 -5.65 0.21 3.15
N LEU B 168 -5.41 1.44 2.71
CA LEU B 168 -4.21 2.16 3.05
C LEU B 168 -4.13 2.25 4.58
N GLY B 169 -3.06 1.70 5.15
CA GLY B 169 -2.81 1.83 6.56
C GLY B 169 -2.46 3.26 6.94
N GLY B 170 -1.90 4.00 5.99
CA GLY B 170 -1.42 5.34 6.23
C GLY B 170 -0.39 5.76 5.19
N GLN B 171 0.23 6.92 5.42
CA GLN B 171 1.11 7.52 4.42
C GLN B 171 1.91 8.67 5.02
N ILE B 172 3.22 8.63 4.82
CA ILE B 172 4.07 9.77 5.09
C ILE B 172 4.42 10.41 3.75
N VAL B 173 4.46 11.74 3.72
CA VAL B 173 4.90 12.49 2.54
C VAL B 173 6.06 13.38 2.96
N LEU B 174 7.22 13.16 2.36
CA LEU B 174 8.38 14.02 2.54
C LEU B 174 8.35 15.06 1.44
N GLY B 175 8.49 16.33 1.81
CA GLY B 175 8.47 17.42 0.86
C GLY B 175 7.12 18.11 0.67
N GLY B 176 6.09 17.63 1.36
CA GLY B 176 4.76 18.22 1.25
C GLY B 176 3.66 17.46 1.95
N SER B 177 2.47 17.54 1.38
CA SER B 177 1.29 16.87 1.91
C SER B 177 0.41 16.33 0.79
N ASP B 178 -0.50 15.42 1.15
CA ASP B 178 -1.45 14.83 0.22
C ASP B 178 -2.88 15.25 0.59
N PRO B 179 -3.46 16.18 -0.15
CA PRO B 179 -4.83 16.64 0.10
C PRO B 179 -5.93 15.58 -0.03
N GLN B 180 -5.61 14.44 -0.64
CA GLN B 180 -6.53 13.31 -0.68
C GLN B 180 -6.88 12.75 0.71
N HIS B 181 -6.01 13.00 1.69
CA HIS B 181 -6.20 12.46 3.04
C HIS B 181 -6.45 13.52 4.10
N TYR B 182 -6.75 14.75 3.68
CA TYR B 182 -7.32 15.75 4.59
C TYR B 182 -8.31 16.68 3.89
N GLU B 183 -9.00 17.50 4.67
CA GLU B 183 -9.92 18.48 4.10
C GLU B 183 -9.67 19.86 4.68
N GLY B 184 -10.04 20.87 3.89
CA GLY B 184 -9.81 22.25 4.27
C GLY B 184 -8.34 22.61 4.20
N ASN B 185 -7.96 23.58 4.99
CA ASN B 185 -6.59 24.09 5.03
C ASN B 185 -5.97 23.83 6.40
N PHE B 186 -4.64 23.78 6.43
CA PHE B 186 -3.90 23.64 7.67
C PHE B 186 -4.02 24.89 8.54
N HIS B 187 -4.07 24.68 9.85
CA HIS B 187 -3.84 25.72 10.83
C HIS B 187 -2.63 25.27 11.66
N TYR B 188 -1.67 26.17 11.87
CA TYR B 188 -0.39 25.82 12.46
C TYR B 188 -0.25 26.33 13.88
N ILE B 189 0.59 25.65 14.64
CA ILE B 189 0.94 26.03 15.99
C ILE B 189 2.46 25.97 16.04
N ASN B 190 3.07 27.08 16.43
CA ASN B 190 4.53 27.14 16.53
C ASN B 190 5.04 26.26 17.67
N LEU B 191 6.23 25.70 17.47
CA LEU B 191 6.93 24.97 18.51
C LEU B 191 7.34 25.94 19.62
N ILE B 192 7.47 25.43 20.84
CA ILE B 192 8.01 26.22 21.94
C ILE B 192 9.42 26.65 21.54
N LYS B 193 10.20 25.68 21.10
CA LYS B 193 11.55 25.89 20.60
C LYS B 193 11.86 24.88 19.49
N THR B 194 12.87 25.17 18.67
CA THR B 194 13.41 24.18 17.75
C THR B 194 14.03 23.05 18.58
N GLY B 195 14.15 21.87 17.99
CA GLY B 195 14.82 20.76 18.63
C GLY B 195 13.89 19.66 19.11
N VAL B 196 12.66 20.04 19.45
CA VAL B 196 11.63 19.08 19.85
C VAL B 196 10.31 19.43 19.16
N TRP B 197 9.61 18.42 18.64
CA TRP B 197 8.29 18.63 18.02
C TRP B 197 7.25 18.75 19.13
N GLN B 198 7.27 19.88 19.82
CA GLN B 198 6.52 20.07 21.05
C GLN B 198 5.92 21.46 21.07
N ILE B 199 4.61 21.53 21.26
CA ILE B 199 3.88 22.79 21.25
C ILE B 199 3.20 23.06 22.59
N GLN B 200 2.80 24.31 22.76
CA GLN B 200 1.99 24.76 23.89
C GLN B 200 0.56 24.31 23.69
N MET B 201 -0.05 23.82 24.77
CA MET B 201 -1.47 23.50 24.82
C MET B 201 -2.13 24.38 25.88
N LYS B 202 -3.24 25.02 25.53
CA LYS B 202 -3.89 25.99 26.41
C LYS B 202 -5.05 25.40 27.22
N GLY B 203 -5.20 24.08 27.20
CA GLY B 203 -6.26 23.41 27.95
C GLY B 203 -6.84 22.18 27.27
N VAL B 204 -7.38 21.27 28.08
CA VAL B 204 -8.06 20.06 27.60
C VAL B 204 -9.46 19.96 28.22
N SER B 205 -10.49 20.11 27.39
CA SER B 205 -11.88 20.09 27.84
C SER B 205 -12.50 18.71 27.76
N VAL B 206 -13.18 18.30 28.81
CA VAL B 206 -14.00 17.08 28.80
C VAL B 206 -15.47 17.47 28.75
N GLY B 207 -16.00 17.57 27.53
CA GLY B 207 -17.39 17.93 27.31
C GLY B 207 -17.54 19.44 27.27
N SER B 208 -18.11 20.00 28.34
CA SER B 208 -18.38 21.43 28.44
C SER B 208 -17.27 22.16 29.20
N SER B 209 -17.03 21.73 30.44
CA SER B 209 -16.01 22.34 31.30
C SER B 209 -14.59 22.02 30.85
N THR B 210 -13.68 22.98 31.04
CA THR B 210 -12.25 22.78 30.75
C THR B 210 -11.54 22.32 32.01
N LEU B 211 -11.61 21.01 32.26
CA LEU B 211 -11.20 20.44 33.55
C LEU B 211 -9.69 20.33 33.75
N LEU B 212 -8.93 20.25 32.66
CA LEU B 212 -7.50 19.94 32.74
C LEU B 212 -6.62 20.96 32.03
N CYS B 213 -5.34 20.99 32.41
CA CYS B 213 -4.36 21.87 31.77
C CYS B 213 -4.87 23.32 31.76
N GLU B 214 -5.45 23.74 32.88
CA GLU B 214 -6.06 25.08 32.99
C GLU B 214 -5.05 26.20 32.81
N ASP B 215 -3.86 26.03 33.40
CA ASP B 215 -2.81 27.04 33.35
C ASP B 215 -1.74 26.71 32.31
N GLY B 216 -2.12 25.94 31.29
CA GLY B 216 -1.22 25.59 30.21
C GLY B 216 -0.32 24.40 30.54
N CYS B 217 0.01 23.65 29.50
CA CYS B 217 0.93 22.50 29.60
C CYS B 217 1.57 22.26 28.24
N LEU B 218 2.32 21.18 28.12
CA LEU B 218 3.05 20.89 26.88
C LEU B 218 2.43 19.72 26.13
N ALA B 219 2.69 19.66 24.82
CA ALA B 219 2.16 18.60 23.97
C ALA B 219 3.17 18.19 22.90
N LEU B 220 3.80 17.04 23.09
CA LEU B 220 4.64 16.39 22.09
C LEU B 220 3.76 15.82 20.96
N VAL B 221 4.03 16.16 19.71
CA VAL B 221 3.33 15.54 18.59
C VAL B 221 4.18 14.38 18.07
N ASP B 222 3.83 13.18 18.54
CA ASP B 222 4.69 12.01 18.46
C ASP B 222 4.10 10.91 17.57
N THR B 223 4.58 10.82 16.34
CA THR B 223 4.10 9.82 15.38
C THR B 223 4.56 8.40 15.70
N GLY B 224 5.56 8.28 16.56
CA GLY B 224 6.04 6.98 17.01
C GLY B 224 5.42 6.48 18.31
N ALA B 225 4.44 7.22 18.85
CA ALA B 225 3.67 6.75 20.00
C ALA B 225 2.29 6.27 19.53
N SER B 226 1.80 5.21 20.16
CA SER B 226 0.51 4.62 19.80
C SER B 226 -0.69 5.45 20.26
N TYR B 227 -0.59 6.07 21.42
CA TYR B 227 -1.75 6.69 22.07
C TYR B 227 -1.57 8.18 22.30
N ILE B 228 -2.67 8.84 22.67
CA ILE B 228 -2.55 10.13 23.33
C ILE B 228 -2.17 9.78 24.75
N SER B 229 -1.16 10.46 25.31
CA SER B 229 -0.84 10.27 26.71
C SER B 229 -0.80 11.58 27.48
N GLY B 230 -1.00 11.46 28.78
CA GLY B 230 -0.80 12.56 29.71
C GLY B 230 -0.07 12.03 30.93
N SER B 231 0.26 12.92 31.86
CA SER B 231 0.88 12.52 33.12
C SER B 231 -0.07 11.59 33.88
N THR B 232 0.48 10.76 34.76
CA THR B 232 -0.32 9.86 35.59
C THR B 232 -1.45 10.60 36.32
N SER B 233 -1.16 11.79 36.82
CA SER B 233 -2.16 12.61 37.53
C SER B 233 -3.24 13.11 36.59
N SER B 234 -2.84 13.74 35.49
CA SER B 234 -3.79 14.30 34.52
C SER B 234 -4.73 13.23 33.95
N ILE B 235 -4.18 12.06 33.63
CA ILE B 235 -4.97 10.95 33.13
C ILE B 235 -5.91 10.41 34.21
N GLU B 236 -5.45 10.37 35.47
CA GLU B 236 -6.31 9.97 36.58
C GLU B 236 -7.59 10.79 36.62
N LYS B 237 -7.45 12.11 36.54
CA LYS B 237 -8.59 13.04 36.60
C LYS B 237 -9.49 12.89 35.38
N LEU B 238 -8.87 12.74 34.21
CA LEU B 238 -9.56 12.59 32.94
C LEU B 238 -10.45 11.36 32.93
N MET B 239 -9.91 10.26 33.45
CA MET B 239 -10.59 8.98 33.47
C MET B 239 -11.72 8.95 34.51
N GLU B 240 -11.56 9.66 35.61
CA GLU B 240 -12.64 9.80 36.60
C GLU B 240 -13.82 10.58 36.02
N ALA B 241 -13.53 11.53 35.14
CA ALA B 241 -14.56 12.36 34.51
C ALA B 241 -15.25 11.64 33.34
N LEU B 242 -14.55 10.64 32.79
CA LEU B 242 -15.09 9.81 31.71
C LEU B 242 -15.95 8.67 32.26
N GLY B 243 -15.78 8.34 33.54
CA GLY B 243 -16.41 7.18 34.13
C GLY B 243 -15.65 5.87 33.90
N ALA B 244 -14.43 5.98 33.39
CA ALA B 244 -13.57 4.80 33.18
C ALA B 244 -12.83 4.42 34.45
N LYS B 245 -12.60 3.13 34.64
CA LYS B 245 -11.89 2.59 35.79
C LYS B 245 -10.71 1.73 35.35
N LYS B 246 -9.64 1.73 36.12
CA LYS B 246 -8.50 0.88 35.83
C LYS B 246 -8.84 -0.60 36.06
N ARG B 247 -8.93 -1.34 34.96
CA ARG B 247 -9.18 -2.78 34.98
C ARG B 247 -8.06 -3.50 35.75
N LEU B 248 -6.88 -3.61 35.14
CA LEU B 248 -5.71 -4.22 35.76
C LEU B 248 -4.46 -3.53 35.24
N PHE B 249 -4.32 -3.53 33.90
CA PHE B 249 -3.27 -2.79 33.21
C PHE B 249 -3.78 -1.48 32.60
N ASP B 250 -4.99 -1.51 32.05
CA ASP B 250 -5.55 -0.38 31.28
C ASP B 250 -6.84 0.16 31.87
N TYR B 251 -7.24 1.35 31.42
CA TYR B 251 -8.52 1.93 31.78
C TYR B 251 -9.58 1.39 30.84
N VAL B 252 -10.74 1.04 31.38
CA VAL B 252 -11.83 0.48 30.58
C VAL B 252 -13.20 1.12 30.88
N VAL B 253 -14.10 0.92 29.95
CA VAL B 253 -15.50 1.33 30.06
C VAL B 253 -16.34 0.19 29.46
N LYS B 254 -17.57 0.02 29.95
CA LYS B 254 -18.48 -0.94 29.32
C LYS B 254 -18.59 -0.54 27.85
N CYS B 255 -18.47 -1.52 26.96
CA CYS B 255 -18.41 -1.28 25.52
C CYS B 255 -19.67 -0.58 25.01
N ASN B 256 -20.83 -0.92 25.56
CA ASN B 256 -22.08 -0.29 25.18
C ASN B 256 -22.11 1.20 25.54
N GLU B 257 -21.51 1.57 26.66
CA GLU B 257 -21.52 2.96 27.12
C GLU B 257 -20.50 3.86 26.39
N GLY B 258 -19.57 3.26 25.66
CA GLY B 258 -18.58 4.02 24.91
C GLY B 258 -19.10 5.25 24.18
N PRO B 259 -20.13 5.08 23.35
CA PRO B 259 -20.76 6.22 22.65
C PRO B 259 -21.36 7.34 23.54
N THR B 260 -21.71 7.06 24.79
CA THR B 260 -22.18 8.11 25.71
C THR B 260 -21.08 9.04 26.21
N LEU B 261 -19.81 8.63 26.10
CA LEU B 261 -18.70 9.40 26.64
C LEU B 261 -18.54 10.73 25.93
N PRO B 262 -18.15 11.76 26.70
CA PRO B 262 -18.06 13.13 26.17
C PRO B 262 -16.83 13.37 25.29
N ASP B 263 -16.95 14.38 24.43
CA ASP B 263 -15.84 14.81 23.58
C ASP B 263 -14.67 15.27 24.42
N ILE B 264 -13.46 15.10 23.88
CA ILE B 264 -12.25 15.62 24.48
C ILE B 264 -11.64 16.60 23.48
N SER B 265 -11.39 17.83 23.93
CA SER B 265 -10.85 18.88 23.07
C SER B 265 -9.47 19.30 23.55
N PHE B 266 -8.54 19.38 22.62
CA PHE B 266 -7.19 19.85 22.92
C PHE B 266 -7.03 21.23 22.29
N HIS B 267 -6.85 22.25 23.13
CA HIS B 267 -6.74 23.63 22.68
C HIS B 267 -5.31 23.92 22.26
N LEU B 268 -5.11 24.07 20.96
CA LEU B 268 -3.78 24.27 20.39
C LEU B 268 -3.83 25.45 19.43
N GLY B 269 -2.99 26.46 19.69
CA GLY B 269 -2.95 27.65 18.86
C GLY B 269 -4.29 28.32 18.61
N GLY B 270 -5.11 28.45 19.65
CA GLY B 270 -6.37 29.18 19.55
C GLY B 270 -7.55 28.46 18.88
N LYS B 271 -7.38 27.17 18.55
CA LYS B 271 -8.43 26.33 17.97
C LYS B 271 -8.64 25.11 18.85
N GLU B 272 -9.84 24.53 18.80
CA GLU B 272 -10.14 23.33 19.57
C GLU B 272 -10.08 22.08 18.67
N TYR B 273 -9.19 21.16 19.02
CA TYR B 273 -9.01 19.89 18.31
C TYR B 273 -9.73 18.78 19.09
N THR B 274 -10.88 18.36 18.57
CA THR B 274 -11.84 17.56 19.31
C THR B 274 -11.88 16.09 18.82
N LEU B 275 -11.63 15.15 19.73
CA LEU B 275 -11.90 13.73 19.49
C LEU B 275 -13.22 13.36 20.15
N THR B 276 -14.11 12.70 19.41
CA THR B 276 -15.31 12.09 19.98
C THR B 276 -14.92 10.75 20.62
N SER B 277 -15.88 10.10 21.28
CA SER B 277 -15.62 8.82 21.92
C SER B 277 -15.30 7.73 20.89
N ALA B 278 -15.86 7.86 19.70
CA ALA B 278 -15.54 6.93 18.61
C ALA B 278 -14.05 6.98 18.24
N ASP B 279 -13.43 8.14 18.46
CA ASP B 279 -12.03 8.35 18.13
C ASP B 279 -11.06 7.83 19.19
N TYR B 280 -11.48 7.76 20.46
CA TYR B 280 -10.56 7.37 21.54
C TYR B 280 -11.01 6.14 22.34
N VAL B 281 -12.07 5.47 21.92
CA VAL B 281 -12.47 4.21 22.52
C VAL B 281 -12.25 3.12 21.48
N PHE B 282 -11.50 2.09 21.84
CA PHE B 282 -11.38 0.91 20.99
C PHE B 282 -12.66 0.10 21.19
N GLN B 283 -13.60 0.30 20.28
CA GLN B 283 -14.89 -0.37 20.34
C GLN B 283 -14.79 -1.69 19.59
N GLU B 284 -14.12 -2.67 20.21
CA GLU B 284 -14.02 -4.03 19.66
C GLU B 284 -15.41 -4.67 19.57
N SER B 285 -16.32 -4.22 20.44
CA SER B 285 -17.74 -4.49 20.31
C SER B 285 -18.55 -3.32 20.87
N TYR B 286 -19.87 -3.47 20.90
CA TYR B 286 -20.76 -2.53 21.59
C TYR B 286 -21.61 -3.25 22.63
N SER B 287 -21.14 -4.44 22.98
CA SER B 287 -21.76 -5.32 23.98
C SER B 287 -21.83 -4.68 25.37
N SER B 288 -23.01 -4.75 25.98
CA SER B 288 -23.19 -4.36 27.38
C SER B 288 -22.67 -5.42 28.35
N LYS B 289 -22.10 -6.49 27.81
CA LYS B 289 -21.54 -7.59 28.61
C LYS B 289 -20.00 -7.66 28.49
N LYS B 290 -19.39 -6.68 27.83
CA LYS B 290 -17.93 -6.65 27.67
C LYS B 290 -17.32 -5.28 27.96
N LEU B 291 -16.03 -5.28 28.29
CA LEU B 291 -15.27 -4.06 28.55
C LEU B 291 -14.42 -3.69 27.34
N CYS B 292 -14.22 -2.39 27.16
CA CYS B 292 -13.44 -1.84 26.06
C CYS B 292 -12.41 -0.86 26.61
N THR B 293 -11.18 -0.96 26.11
CA THR B 293 -10.10 -0.08 26.54
C THR B 293 -10.17 1.26 25.81
N LEU B 294 -9.41 2.24 26.31
CA LEU B 294 -9.31 3.55 25.67
C LEU B 294 -7.93 3.74 25.05
N ALA B 295 -7.87 4.50 23.95
CA ALA B 295 -6.60 4.81 23.26
C ALA B 295 -5.91 6.03 23.87
N ILE B 296 -6.05 6.20 25.18
CA ILE B 296 -5.41 7.24 25.96
C ILE B 296 -4.80 6.57 27.20
N HIS B 297 -3.50 6.77 27.42
CA HIS B 297 -2.79 6.12 28.51
C HIS B 297 -1.99 7.14 29.34
N ALA B 298 -1.65 6.75 30.56
CA ALA B 298 -0.72 7.52 31.39
C ALA B 298 0.69 7.23 30.92
N MET B 299 1.52 8.27 30.89
CA MET B 299 2.93 8.13 30.53
C MET B 299 3.70 9.32 31.11
N ASP B 300 4.42 9.08 32.19
CA ASP B 300 5.25 10.10 32.83
C ASP B 300 6.58 10.21 32.07
N ILE B 301 6.65 11.18 31.16
CA ILE B 301 7.86 11.42 30.39
C ILE B 301 8.79 12.27 31.26
N PRO B 302 10.05 11.86 31.40
CA PRO B 302 10.98 12.57 32.28
C PRO B 302 11.63 13.76 31.59
N PRO B 303 12.14 14.75 32.34
CA PRO B 303 12.82 15.91 31.75
C PRO B 303 13.98 15.54 30.81
N PRO B 304 14.40 16.43 29.91
CA PRO B 304 13.85 17.80 29.80
C PRO B 304 12.57 17.88 28.96
N THR B 305 12.31 16.87 28.14
CA THR B 305 11.14 16.87 27.26
C THR B 305 9.84 16.89 28.07
N GLY B 306 9.75 15.99 29.05
CA GLY B 306 8.60 15.93 29.93
C GLY B 306 8.73 16.82 31.16
N PRO B 307 7.75 16.82 32.06
CA PRO B 307 6.48 16.09 31.87
C PRO B 307 5.59 16.75 30.81
N THR B 308 5.06 15.97 29.87
CA THR B 308 4.16 16.48 28.84
C THR B 308 3.10 15.47 28.41
N TRP B 309 2.00 16.00 27.89
CA TRP B 309 1.08 15.21 27.07
C TRP B 309 1.83 14.81 25.81
N ALA B 310 1.41 13.72 25.19
CA ALA B 310 1.90 13.31 23.88
C ALA B 310 0.72 12.97 22.98
N LEU B 311 0.65 13.62 21.82
CA LEU B 311 -0.40 13.36 20.85
C LEU B 311 0.13 12.33 19.85
N GLY B 312 -0.16 11.06 20.12
CA GLY B 312 0.30 9.95 19.32
C GLY B 312 -0.70 9.56 18.26
N ALA B 313 -0.77 8.27 17.95
CA ALA B 313 -1.53 7.77 16.81
C ALA B 313 -3.03 8.05 16.93
N THR B 314 -3.55 7.98 18.14
CA THR B 314 -4.94 8.35 18.42
C THR B 314 -5.30 9.75 17.87
N PHE B 315 -4.44 10.71 18.13
CA PHE B 315 -4.63 12.09 17.64
C PHE B 315 -4.44 12.25 16.14
N ILE B 316 -3.39 11.62 15.60
CA ILE B 316 -3.03 11.77 14.18
C ILE B 316 -4.09 11.14 13.26
N ARG B 317 -4.69 10.06 13.73
CA ARG B 317 -5.83 9.44 13.07
C ARG B 317 -6.94 10.44 12.77
N LYS B 318 -7.20 11.31 13.75
CA LYS B 318 -8.23 12.34 13.62
C LYS B 318 -7.74 13.51 12.77
N PHE B 319 -6.51 13.97 13.04
CA PHE B 319 -5.95 15.13 12.37
C PHE B 319 -4.67 14.82 11.58
N TYR B 320 -4.79 14.83 10.25
CA TYR B 320 -3.63 14.86 9.36
C TYR B 320 -2.66 15.92 9.84
N THR B 321 -1.38 15.56 9.93
CA THR B 321 -0.39 16.40 10.60
C THR B 321 0.78 16.71 9.65
N GLU B 322 1.16 17.99 9.59
CA GLU B 322 2.28 18.42 8.78
C GLU B 322 3.34 19.03 9.68
N PHE B 323 4.54 18.46 9.61
CA PHE B 323 5.67 18.90 10.40
C PHE B 323 6.52 19.83 9.55
N ASP B 324 6.63 21.10 9.97
CA ASP B 324 7.22 22.15 9.16
C ASP B 324 8.54 22.59 9.76
N ARG B 325 9.65 22.06 9.22
CA ARG B 325 10.99 22.41 9.69
C ARG B 325 11.42 23.84 9.33
N ARG B 326 11.02 24.32 8.16
CA ARG B 326 11.33 25.68 7.70
C ARG B 326 10.88 26.71 8.74
N ASN B 327 9.64 26.56 9.21
CA ASN B 327 9.00 27.52 10.11
C ASN B 327 8.96 27.09 11.58
N ASN B 328 9.49 25.90 11.87
CA ASN B 328 9.38 25.31 13.20
C ASN B 328 7.95 25.37 13.75
N ARG B 329 7.02 24.70 13.08
CA ARG B 329 5.64 24.64 13.52
C ARG B 329 4.97 23.36 13.03
N ILE B 330 3.76 23.09 13.53
CA ILE B 330 3.01 21.91 13.14
C ILE B 330 1.61 22.31 12.67
N GLY B 331 1.20 21.82 11.50
CA GLY B 331 -0.12 22.07 10.98
C GLY B 331 -1.04 20.86 11.16
N PHE B 332 -2.28 21.13 11.53
CA PHE B 332 -3.30 20.10 11.62
C PHE B 332 -4.45 20.42 10.68
N ALA B 333 -5.02 19.37 10.12
CA ALA B 333 -6.28 19.45 9.38
C ALA B 333 -7.01 18.13 9.56
N LEU B 334 -8.34 18.15 9.43
CA LEU B 334 -9.15 16.97 9.65
C LEU B 334 -8.82 15.90 8.62
N ALA B 335 -8.41 14.73 9.09
CA ALA B 335 -8.07 13.60 8.22
C ALA B 335 -9.31 12.97 7.59
N ARG B 336 -9.11 12.28 6.46
CA ARG B 336 -10.19 11.61 5.73
C ARG B 336 -9.67 10.43 4.91
C5 UA4 C . -6.19 -13.23 -18.20
C10 UA4 C . -9.82 -10.63 -17.70
C13 UA4 C . -11.81 -14.61 -15.66
C15 UA4 C . -10.99 -13.12 -14.12
C22 UA4 C . -10.01 -11.54 -12.50
C24 UA4 C . -8.85 -9.41 -13.03
C26 UA4 C . -7.85 -7.28 -13.34
C28 UA4 C . -13.19 -14.72 -10.16
F34 UA4 C . -10.97 -17.92 -11.23
C31 UA4 C . -11.69 -16.86 -10.92
C32 UA4 C . -11.99 -15.92 -11.82
C30 UA4 C . -12.19 -16.70 -9.56
C29 UA4 C . -12.92 -15.60 -9.26
F33 UA4 C . -13.34 -15.49 -8.02
C27 UA4 C . -12.81 -14.77 -11.39
C18 UA4 C . -13.16 -13.67 -12.38
C35 UA4 C . -14.57 -13.10 -12.14
C19 UA4 C . -12.12 -12.59 -12.13
O21 UA4 C . -12.20 -11.92 -11.10
N20 UA4 C . -11.10 -12.40 -12.98
C23 UA4 C . -10.15 -10.18 -13.18
O25 UA4 C . -9.07 -8.01 -13.16
C16 UA4 C . -9.90 -13.02 -14.89
C14 UA4 C . -11.95 -13.95 -14.56
O17 UA4 C . -13.15 -14.09 -13.75
C12 UA4 C . -10.85 -14.55 -16.39
C11 UA4 C . -9.86 -13.81 -16.11
C2 UA4 C . -8.59 -13.61 -16.90
C1 UA4 C . -8.50 -12.72 -17.96
C9 UA4 C . -9.69 -11.94 -18.46
C3 UA4 C . -7.34 -14.32 -16.47
N7 UA4 C . -7.32 -15.20 -15.44
N4 UA4 C . -6.21 -14.09 -17.15
N6 UA4 C . -7.31 -12.57 -18.60
N8 UA4 C . -5.02 -13.04 -18.85
C5 UA4 D . 8.62 6.84 20.41
C10 UA4 D . 8.77 3.83 17.16
C13 UA4 D . 8.61 0.58 21.19
C15 UA4 D . 6.60 0.90 20.13
C22 UA4 D . 4.43 1.35 19.04
C24 UA4 D . 4.15 2.93 17.12
C26 UA4 D . 3.34 4.10 15.23
C28 UA4 D . 5.52 -1.40 22.88
F34 UA4 D . 2.44 -4.03 23.17
C31 UA4 D . 3.45 -3.18 23.05
C32 UA4 D . 4.08 -3.01 21.88
C30 UA4 D . 3.92 -2.38 24.20
C29 UA4 D . 4.94 -1.54 24.01
F33 UA4 D . 5.35 -0.84 25.05
C27 UA4 D . 5.21 -2.05 21.84
C18 UA4 D . 5.95 -1.82 20.53
C35 UA4 D . 6.12 -3.12 19.74
C19 UA4 D . 5.10 -0.85 19.74
O21 UA4 D . 4.05 -1.27 19.27
N20 UA4 D . 5.44 0.44 19.61
C23 UA4 D . 4.81 1.64 17.59
O25 UA4 D . 3.99 2.93 15.70
C16 UA4 D . 6.90 2.19 20.08
C14 UA4 D . 7.52 0.12 20.72
O17 UA4 D . 7.26 -1.30 20.80
C12 UA4 D . 8.93 1.75 21.18
C11 UA4 D . 8.18 2.62 20.65
C2 UA4 D . 8.39 4.10 20.56
C1 UA4 D . 9.04 4.69 19.49
C9 UA4 D . 9.69 3.89 18.37
C3 UA4 D . 7.79 4.99 21.59
N7 UA4 D . 7.11 4.51 22.66
N4 UA4 D . 7.95 6.33 21.46
N6 UA4 D . 9.16 6.04 19.46
N8 UA4 D . 8.77 8.18 20.32
#